data_3IU2
#
_entry.id   3IU2
#
_cell.length_a   58.572
_cell.length_b   77.739
_cell.length_c   179.627
_cell.angle_alpha   90.00
_cell.angle_beta   90.00
_cell.angle_gamma   90.00
#
_symmetry.space_group_name_H-M   'P 2 21 21'
#
loop_
_entity.id
_entity.type
_entity.pdbx_description
1 polymer 'Glycylpeptide N-tetradecanoyltransferase 1'
2 non-polymer TETRADECANOYL-COA
3 non-polymer (2R)-2-{4-hydroxy-5-methoxy-2-[3-(4-methylpiperazin-1-yl)propyl]phenyl}-3-pyridin-3-yl-1,3-thiazolidin-4-one
4 water water
#
_entity_poly.entity_id   1
_entity_poly.type   'polypeptide(L)'
_entity_poly.pdbx_seq_one_letter_code
;GRSYQFWDTQPVPKLGEVVNTHGPVEPDKDNIRQEPYTLPQGFTWDALDLGDRGVLKELYTLLNENYVEDDDNMFRFDYS
PEFLLWALRPPGWLPQWHCGVRVVSSRKLVGFISAIPANIHIYDTEKKMVEINFLCVHKKLRSKRVAPVLIREITRRVHL
EGIFQAVYTAGVVLPKPVGTCRYWHRSLNPRKLIEVKFSHLSRNMTMQRTMKLYRLPETPKTAGLRPMETKDIPVVHQLL
TRYLKQFHLTPVMSQEEVEHWFYPQENIIDTFVVENANGEVTDFLSFYTLPSTIMNHPTHKSLKAAYSFYNVHTQTPLLD
LMSDALVLAKMKGFDVFNALDLMENKTFLEKLKFGIGDGNLQYYLYNWKCPSMGAEKVGLVLQ
;
_entity_poly.pdbx_strand_id   A,B
#
loop_
_chem_comp.id
_chem_comp.type
_chem_comp.name
_chem_comp.formula
096 non-polymer (2R)-2-{4-hydroxy-5-methoxy-2-[3-(4-methylpiperazin-1-yl)propyl]phenyl}-3-pyridin-3-yl-1,3-thiazolidin-4-one 'C23 H30 N4 O3 S'
MYA non-polymer TETRADECANOYL-COA 'C35 H62 N7 O17 P3 S'
#
# COMPACT_ATOMS: atom_id res chain seq x y z
N ARG A 2 10.70 31.75 10.21
CA ARG A 2 9.90 33.01 10.07
C ARG A 2 9.60 33.79 11.39
N SER A 3 10.10 33.34 12.55
CA SER A 3 10.93 32.16 12.72
C SER A 3 10.14 30.99 13.32
N TYR A 4 10.38 29.80 12.79
CA TYR A 4 9.77 28.58 13.31
C TYR A 4 10.89 27.61 13.71
N GLN A 5 11.18 27.52 15.01
CA GLN A 5 12.29 26.71 15.50
C GLN A 5 12.29 25.29 14.90
N PHE A 6 11.11 24.66 14.82
CA PHE A 6 11.01 23.31 14.24
C PHE A 6 10.77 23.34 12.73
N TRP A 7 9.74 24.07 12.29
CA TRP A 7 9.34 24.02 10.88
C TRP A 7 10.38 24.57 9.90
N ASP A 8 11.25 25.47 10.35
CA ASP A 8 12.38 25.93 9.54
C ASP A 8 13.40 24.82 9.18
N THR A 9 13.39 23.72 9.93
CA THR A 9 14.30 22.59 9.68
C THR A 9 13.72 21.55 8.73
N GLN A 10 12.47 21.74 8.33
CA GLN A 10 11.69 20.73 7.62
C GLN A 10 11.59 21.03 6.12
N PRO A 11 11.46 19.98 5.29
CA PRO A 11 11.35 20.15 3.84
C PRO A 11 9.96 20.66 3.41
N VAL A 12 9.65 21.88 3.83
CA VAL A 12 8.45 22.59 3.42
C VAL A 12 8.83 23.99 2.93
N PRO A 13 8.00 24.62 2.08
CA PRO A 13 8.33 25.98 1.63
C PRO A 13 8.23 27.01 2.75
N LYS A 14 8.94 28.12 2.59
CA LYS A 14 8.89 29.21 3.56
C LYS A 14 7.56 29.97 3.40
N LEU A 15 7.04 30.49 4.50
CA LEU A 15 5.91 31.42 4.44
C LEU A 15 6.32 32.64 3.63
N GLY A 16 5.42 33.12 2.78
CA GLY A 16 5.68 34.31 1.97
C GLY A 16 6.40 34.06 0.66
N GLU A 17 7.02 32.88 0.50
CA GLU A 17 7.67 32.55 -0.77
C GLU A 17 6.64 32.09 -1.81
N VAL A 18 6.60 32.80 -2.94
CA VAL A 18 5.73 32.42 -4.06
C VAL A 18 6.35 31.23 -4.78
N VAL A 19 5.57 30.18 -4.96
CA VAL A 19 6.04 28.96 -5.61
C VAL A 19 5.45 28.85 -7.02
N ASN A 20 6.32 28.69 -8.01
CA ASN A 20 5.89 28.52 -9.40
C ASN A 20 6.32 27.18 -10.01
N THR A 21 6.81 26.27 -9.16
CA THR A 21 7.24 24.93 -9.57
C THR A 21 6.42 23.85 -8.88
N HIS A 22 6.57 22.60 -9.32
CA HIS A 22 5.82 21.48 -8.80
C HIS A 22 6.79 20.33 -8.59
N GLY A 23 6.94 19.84 -7.39
CA GLY A 23 7.83 18.71 -7.08
C GLY A 23 8.27 18.61 -5.63
N PRO A 24 9.11 17.60 -5.31
CA PRO A 24 9.57 17.39 -3.94
C PRO A 24 10.54 18.48 -3.48
N VAL A 25 10.51 18.81 -2.19
CA VAL A 25 11.43 19.80 -1.63
C VAL A 25 12.85 19.20 -1.54
N GLU A 26 12.92 17.91 -1.19
CA GLU A 26 14.18 17.15 -1.16
C GLU A 26 14.00 15.77 -1.81
N PRO A 27 15.10 15.14 -2.31
CA PRO A 27 14.91 13.82 -2.92
C PRO A 27 14.60 12.72 -1.90
N ASP A 28 14.09 11.59 -2.38
CA ASP A 28 13.82 10.40 -1.55
C ASP A 28 15.10 9.96 -0.82
N LYS A 29 14.97 9.62 0.47
CA LYS A 29 16.10 9.15 1.28
C LYS A 29 16.41 7.67 1.03
N ASP A 30 17.68 7.36 0.80
CA ASP A 30 18.14 6.00 0.46
CA ASP A 30 18.07 5.98 0.47
C ASP A 30 18.56 5.17 1.68
N ASN A 31 18.78 5.86 2.80
CA ASN A 31 19.00 5.19 4.08
CA ASN A 31 19.06 5.24 4.10
C ASN A 31 18.18 5.91 5.14
N ILE A 32 17.54 5.12 6.00
CA ILE A 32 16.73 5.73 7.06
CA ILE A 32 16.63 5.63 7.04
C ILE A 32 17.10 5.25 8.46
N ARG A 33 17.09 6.21 9.38
CA ARG A 33 17.38 6.00 10.79
C ARG A 33 16.57 4.83 11.31
N GLN A 34 17.26 3.82 11.84
CA GLN A 34 16.60 2.60 12.33
C GLN A 34 15.98 2.67 13.72
N GLU A 35 16.45 3.62 14.54
CA GLU A 35 16.07 3.70 15.96
C GLU A 35 15.11 4.88 16.21
N PRO A 36 14.12 4.70 17.10
CA PRO A 36 13.20 5.78 17.42
C PRO A 36 13.91 6.98 18.03
N TYR A 37 13.33 8.16 17.82
CA TYR A 37 13.87 9.36 18.44
C TYR A 37 13.70 9.30 19.96
N THR A 38 14.55 10.05 20.66
CA THR A 38 14.57 10.06 22.12
C THR A 38 13.50 11.00 22.66
N LEU A 39 12.71 10.48 23.60
CA LEU A 39 11.73 11.29 24.33
C LEU A 39 12.35 11.78 25.63
N PRO A 40 11.77 12.84 26.24
CA PRO A 40 12.18 13.25 27.58
C PRO A 40 12.13 12.08 28.56
N GLN A 41 12.95 12.16 29.59
CA GLN A 41 13.12 11.04 30.49
C GLN A 41 11.79 10.74 31.23
N GLY A 42 11.48 9.47 31.46
CA GLY A 42 10.25 9.05 32.14
C GLY A 42 9.11 8.74 31.19
N PHE A 43 9.33 8.95 29.90
CA PHE A 43 8.33 8.67 28.86
C PHE A 43 8.85 7.65 27.85
N THR A 44 7.93 6.84 27.31
CA THR A 44 8.28 5.79 26.36
C THR A 44 7.33 5.76 25.15
N TRP A 45 7.81 5.28 24.01
CA TRP A 45 6.95 5.02 22.85
C TRP A 45 6.13 3.76 23.10
N ASP A 46 4.92 3.72 22.53
CA ASP A 46 4.10 2.52 22.52
C ASP A 46 3.15 2.57 21.33
N ALA A 47 3.24 1.58 20.44
CA ALA A 47 2.29 1.45 19.34
C ALA A 47 0.96 0.95 19.90
N LEU A 48 -0.12 1.65 19.60
CA LEU A 48 -1.44 1.33 20.16
C LEU A 48 -2.22 0.38 19.27
N ASP A 49 -2.57 -0.79 19.82
CA ASP A 49 -3.40 -1.78 19.12
C ASP A 49 -4.87 -1.41 19.36
N LEU A 50 -5.45 -0.69 18.41
CA LEU A 50 -6.81 -0.18 18.56
C LEU A 50 -7.90 -1.27 18.48
N GLY A 51 -7.49 -2.48 18.08
CA GLY A 51 -8.38 -3.63 18.11
C GLY A 51 -8.57 -4.17 19.52
N ASP A 52 -7.79 -3.65 20.47
CA ASP A 52 -7.96 -3.98 21.88
C ASP A 52 -8.87 -2.93 22.51
N ARG A 53 -9.97 -3.39 23.11
CA ARG A 53 -11.00 -2.50 23.63
C ARG A 53 -10.46 -1.51 24.69
N GLY A 54 -9.55 -2.00 25.55
CA GLY A 54 -8.94 -1.17 26.59
C GLY A 54 -8.02 -0.08 26.07
N VAL A 55 -7.19 -0.42 25.08
CA VAL A 55 -6.30 0.56 24.45
C VAL A 55 -7.08 1.62 23.65
N LEU A 56 -8.09 1.19 22.89
CA LEU A 56 -8.93 2.14 22.15
C LEU A 56 -9.58 3.16 23.09
N LYS A 57 -10.07 2.67 24.23
CA LYS A 57 -10.69 3.56 25.21
C LYS A 57 -9.69 4.54 25.84
N GLU A 58 -8.45 4.09 26.04
CA GLU A 58 -7.37 4.97 26.50
C GLU A 58 -7.17 6.13 25.52
N LEU A 59 -7.14 5.82 24.23
CA LEU A 59 -7.02 6.84 23.18
C LEU A 59 -8.24 7.76 23.18
N TYR A 60 -9.44 7.17 23.27
CA TYR A 60 -10.68 7.94 23.37
C TYR A 60 -10.56 9.00 24.48
N THR A 61 -10.10 8.58 25.65
CA THR A 61 -10.01 9.46 26.81
C THR A 61 -8.95 10.54 26.63
N LEU A 62 -7.79 10.17 26.10
CA LEU A 62 -6.74 11.16 25.85
C LEU A 62 -7.30 12.30 24.97
N LEU A 63 -7.97 11.93 23.89
CA LEU A 63 -8.49 12.89 22.94
C LEU A 63 -9.68 13.66 23.52
N ASN A 64 -10.56 12.95 24.22
CA ASN A 64 -11.72 13.57 24.87
C ASN A 64 -11.30 14.69 25.83
N GLU A 65 -10.21 14.46 26.55
CA GLU A 65 -9.77 15.40 27.59
C GLU A 65 -8.73 16.41 27.10
N ASN A 66 -8.07 16.10 25.98
CA ASN A 66 -6.91 16.91 25.55
C ASN A 66 -6.83 17.32 24.06
N TYR A 67 -7.86 17.02 23.26
CA TYR A 67 -7.80 17.38 21.82
C TYR A 67 -8.32 18.79 21.52
N VAL A 68 -8.62 19.06 20.25
CA VAL A 68 -8.88 20.42 19.75
C VAL A 68 -10.07 21.11 20.45
N GLU A 69 -9.83 22.32 20.97
CA GLU A 69 -10.89 23.16 21.55
C GLU A 69 -11.10 24.36 20.64
N ASP A 70 -12.28 24.98 20.73
CA ASP A 70 -12.54 26.20 19.97
C ASP A 70 -11.74 27.37 20.53
N ASP A 71 -11.76 28.50 19.83
CA ASP A 71 -10.98 29.67 20.21
C ASP A 71 -11.42 30.36 21.51
N ASP A 72 -12.63 30.09 21.95
CA ASP A 72 -13.15 30.60 23.22
C ASP A 72 -12.99 29.61 24.39
N ASN A 73 -12.38 28.44 24.12
CA ASN A 73 -12.18 27.39 25.13
C ASN A 73 -13.51 26.93 25.78
N MET A 74 -14.52 26.72 24.94
CA MET A 74 -15.86 26.34 25.41
C MET A 74 -16.31 24.95 24.95
N PHE A 75 -15.74 24.46 23.86
CA PHE A 75 -16.14 23.18 23.24
C PHE A 75 -14.89 22.40 22.85
N ARG A 76 -14.92 21.09 23.04
CA ARG A 76 -13.81 20.22 22.65
C ARG A 76 -14.34 19.04 21.85
N PHE A 77 -13.65 18.66 20.78
CA PHE A 77 -14.07 17.50 19.99
C PHE A 77 -14.21 16.26 20.88
N ASP A 78 -15.20 15.42 20.57
CA ASP A 78 -15.46 14.17 21.30
C ASP A 78 -15.62 12.99 20.32
N TYR A 79 -14.56 12.69 19.59
CA TYR A 79 -14.52 11.53 18.68
C TYR A 79 -14.87 10.27 19.45
N SER A 80 -15.80 9.47 18.96
CA SER A 80 -16.19 8.22 19.63
C SER A 80 -15.14 7.12 19.38
N PRO A 81 -15.09 6.10 20.24
CA PRO A 81 -14.16 4.98 19.99
C PRO A 81 -14.43 4.29 18.65
N GLU A 82 -15.70 4.05 18.33
CA GLU A 82 -16.05 3.42 17.06
C GLU A 82 -15.70 4.31 15.85
N PHE A 83 -15.84 5.64 16.01
CA PHE A 83 -15.39 6.59 14.98
C PHE A 83 -13.87 6.52 14.77
N LEU A 84 -13.14 6.46 15.88
CA LEU A 84 -11.68 6.41 15.82
C LEU A 84 -11.23 5.14 15.09
N LEU A 85 -11.94 4.04 15.31
CA LEU A 85 -11.64 2.80 14.59
C LEU A 85 -11.85 2.98 13.08
N TRP A 86 -12.94 3.66 12.69
CA TRP A 86 -13.23 3.97 11.28
C TRP A 86 -12.13 4.85 10.67
N ALA A 87 -11.79 5.94 11.37
CA ALA A 87 -10.80 6.89 10.89
C ALA A 87 -9.38 6.33 10.79
N LEU A 88 -9.03 5.37 11.66
CA LEU A 88 -7.65 4.94 11.83
C LEU A 88 -7.29 3.56 11.28
N ARG A 89 -8.30 2.74 10.99
CA ARG A 89 -8.06 1.45 10.32
C ARG A 89 -8.70 1.33 8.92
N PRO A 90 -8.43 2.30 8.03
CA PRO A 90 -8.89 2.14 6.65
C PRO A 90 -8.00 1.11 5.94
N PRO A 91 -8.38 0.69 4.72
CA PRO A 91 -7.54 -0.28 4.02
C PRO A 91 -6.06 0.16 3.97
N GLY A 92 -5.17 -0.77 4.30
CA GLY A 92 -3.73 -0.48 4.25
C GLY A 92 -3.14 0.11 5.52
N TRP A 93 -3.96 0.29 6.55
CA TRP A 93 -3.47 0.81 7.83
C TRP A 93 -2.34 -0.06 8.37
N LEU A 94 -1.39 0.55 9.06
CA LEU A 94 -0.25 -0.17 9.63
C LEU A 94 -0.14 0.08 11.13
N PRO A 95 0.21 -0.95 11.91
CA PRO A 95 0.19 -0.81 13.38
C PRO A 95 1.22 0.18 13.94
N GLN A 96 2.40 0.24 13.32
CA GLN A 96 3.46 1.16 13.73
C GLN A 96 3.05 2.63 13.55
N TRP A 97 2.02 2.86 12.74
CA TRP A 97 1.56 4.22 12.45
C TRP A 97 0.49 4.73 13.41
N HIS A 98 0.21 3.96 14.46
CA HIS A 98 -0.61 4.41 15.58
C HIS A 98 0.32 4.64 16.76
N CYS A 99 0.91 5.84 16.77
CA CYS A 99 2.08 6.12 17.60
C CYS A 99 1.74 6.83 18.91
N GLY A 100 1.73 6.08 20.02
CA GLY A 100 1.45 6.65 21.34
C GLY A 100 2.67 6.94 22.18
N VAL A 101 2.51 7.83 23.16
CA VAL A 101 3.52 8.12 24.17
C VAL A 101 2.94 7.86 25.55
N ARG A 102 3.65 7.10 26.36
CA ARG A 102 3.19 6.73 27.71
C ARG A 102 4.18 7.16 28.79
N VAL A 103 3.67 7.45 29.98
CA VAL A 103 4.51 7.63 31.16
C VAL A 103 4.97 6.24 31.58
N VAL A 104 6.29 6.09 31.72
CA VAL A 104 6.91 4.79 32.00
C VAL A 104 6.36 4.12 33.27
N SER A 105 6.23 4.90 34.34
CA SER A 105 5.85 4.36 35.65
C SER A 105 4.34 4.07 35.76
N SER A 106 3.50 5.05 35.44
CA SER A 106 2.05 4.90 35.59
C SER A 106 1.39 4.22 34.39
N ARG A 107 2.09 4.26 33.25
CA ARG A 107 1.58 3.79 31.94
C ARG A 107 0.57 4.74 31.27
N LYS A 108 0.31 5.89 31.90
CA LYS A 108 -0.71 6.80 31.38
C LYS A 108 -0.38 7.25 29.96
N LEU A 109 -1.38 7.16 29.07
CA LEU A 109 -1.24 7.67 27.71
C LEU A 109 -1.27 9.20 27.73
N VAL A 110 -0.18 9.81 27.26
CA VAL A 110 -0.03 11.26 27.34
C VAL A 110 0.29 11.92 25.99
N GLY A 111 0.43 11.12 24.94
CA GLY A 111 0.68 11.67 23.60
C GLY A 111 0.30 10.71 22.49
N PHE A 112 0.02 11.26 21.30
CA PHE A 112 -0.40 10.42 20.17
C PHE A 112 -0.19 11.18 18.86
N ILE A 113 0.07 10.42 17.80
CA ILE A 113 0.03 10.91 16.44
C ILE A 113 -0.25 9.72 15.51
N SER A 114 -0.91 9.95 14.38
CA SER A 114 -1.24 8.84 13.46
C SER A 114 -0.94 9.16 12.01
N ALA A 115 -0.64 8.11 11.24
CA ALA A 115 -0.59 8.18 9.78
C ALA A 115 -1.48 7.08 9.21
N ILE A 116 -2.20 7.40 8.14
CA ILE A 116 -2.89 6.38 7.33
C ILE A 116 -2.49 6.58 5.88
N PRO A 117 -2.44 5.48 5.08
CA PRO A 117 -2.03 5.68 3.69
C PRO A 117 -3.11 6.32 2.83
N ALA A 118 -2.70 7.13 1.86
CA ALA A 118 -3.62 7.69 0.86
C ALA A 118 -2.91 8.03 -0.42
N ASN A 119 -3.54 7.70 -1.55
CA ASN A 119 -3.06 8.18 -2.84
C ASN A 119 -3.68 9.54 -3.09
N ILE A 120 -2.82 10.53 -3.36
CA ILE A 120 -3.26 11.91 -3.46
C ILE A 120 -2.94 12.44 -4.85
N HIS A 121 -3.93 13.07 -5.46
CA HIS A 121 -3.75 13.75 -6.74
C HIS A 121 -3.57 15.24 -6.46
N ILE A 122 -2.40 15.76 -6.84
CA ILE A 122 -2.06 17.17 -6.63
C ILE A 122 -1.65 17.77 -7.98
N TYR A 123 -2.51 18.63 -8.50
CA TYR A 123 -2.38 19.15 -9.87
C TYR A 123 -2.19 17.96 -10.82
N ASP A 124 -1.12 17.95 -11.61
CA ASP A 124 -0.91 16.89 -12.60
C ASP A 124 -0.10 15.66 -12.15
N THR A 125 -0.02 15.46 -10.83
CA THR A 125 0.76 14.36 -10.26
C THR A 125 -0.08 13.55 -9.28
N GLU A 126 0.01 12.22 -9.37
CA GLU A 126 -0.53 11.34 -8.34
C GLU A 126 0.63 10.73 -7.54
N LYS A 127 0.56 10.86 -6.22
CA LYS A 127 1.62 10.35 -5.33
C LYS A 127 1.02 9.48 -4.24
N LYS A 128 1.73 8.42 -3.88
CA LYS A 128 1.38 7.70 -2.65
C LYS A 128 1.87 8.54 -1.48
N MET A 129 0.94 8.90 -0.60
CA MET A 129 1.25 9.71 0.59
C MET A 129 0.72 9.06 1.85
N VAL A 130 0.82 9.79 2.96
CA VAL A 130 0.06 9.48 4.17
C VAL A 130 -0.70 10.74 4.59
N GLU A 131 -1.78 10.52 5.30
CA GLU A 131 -2.51 11.61 5.97
C GLU A 131 -2.19 11.54 7.45
N ILE A 132 -1.77 12.69 8.01
CA ILE A 132 -1.42 12.75 9.43
C ILE A 132 -2.56 13.41 10.18
N ASN A 133 -2.92 12.83 11.32
CA ASN A 133 -4.08 13.28 12.08
C ASN A 133 -3.94 12.87 13.55
N PHE A 134 -4.75 13.48 14.40
CA PHE A 134 -4.82 13.16 15.81
C PHE A 134 -3.52 13.39 16.60
N LEU A 135 -2.73 14.38 16.15
CA LEU A 135 -1.60 14.86 16.94
C LEU A 135 -2.14 15.44 18.24
N CYS A 136 -1.70 14.88 19.37
CA CYS A 136 -2.22 15.33 20.67
C CYS A 136 -1.18 15.18 21.76
N VAL A 137 -1.04 16.23 22.57
CA VAL A 137 -0.16 16.18 23.73
C VAL A 137 -1.00 16.56 24.94
N HIS A 138 -0.90 15.77 26.01
CA HIS A 138 -1.65 16.02 27.24
C HIS A 138 -1.44 17.46 27.71
N LYS A 139 -2.50 18.08 28.24
CA LYS A 139 -2.44 19.47 28.69
C LYS A 139 -1.29 19.74 29.67
N LYS A 140 -1.00 18.77 30.53
CA LYS A 140 0.06 18.89 31.52
C LYS A 140 1.47 18.82 30.92
N LEU A 141 1.55 18.39 29.66
CA LEU A 141 2.82 18.23 28.96
C LEU A 141 3.05 19.29 27.87
N ARG A 142 2.17 20.28 27.78
CA ARG A 142 2.23 21.29 26.72
C ARG A 142 3.41 22.26 26.85
N SER A 143 3.87 22.76 25.71
CA SER A 143 4.92 23.79 25.63
C SER A 143 6.29 23.27 26.07
N LYS A 144 6.52 21.98 25.86
CA LYS A 144 7.78 21.33 26.27
C LYS A 144 8.47 20.66 25.09
N ARG A 145 8.10 21.07 23.87
CA ARG A 145 8.69 20.58 22.62
C ARG A 145 8.55 19.07 22.39
N VAL A 146 7.44 18.51 22.86
CA VAL A 146 7.10 17.10 22.62
C VAL A 146 6.51 16.90 21.22
N ALA A 147 5.78 17.90 20.74
CA ALA A 147 5.16 17.79 19.41
C ALA A 147 6.20 17.54 18.31
N PRO A 148 7.32 18.30 18.30
CA PRO A 148 8.36 18.02 17.30
C PRO A 148 8.88 16.58 17.30
N VAL A 149 9.00 15.96 18.47
CA VAL A 149 9.46 14.57 18.55
C VAL A 149 8.43 13.60 17.95
N LEU A 150 7.16 13.85 18.24
CA LEU A 150 6.09 13.05 17.64
C LEU A 150 6.08 13.18 16.11
N ILE A 151 6.31 14.39 15.62
CA ILE A 151 6.29 14.65 14.16
C ILE A 151 7.48 13.97 13.48
N ARG A 152 8.68 14.14 14.03
CA ARG A 152 9.86 13.48 13.47
C ARG A 152 9.77 11.96 13.54
N GLU A 153 9.22 11.44 14.65
CA GLU A 153 9.09 9.98 14.80
C GLU A 153 8.12 9.36 13.79
N ILE A 154 6.97 10.00 13.58
CA ILE A 154 6.03 9.47 12.58
C ILE A 154 6.61 9.62 11.17
N THR A 155 7.40 10.68 10.94
CA THR A 155 8.10 10.85 9.66
C THR A 155 9.04 9.67 9.41
N ARG A 156 9.84 9.31 10.43
CA ARG A 156 10.79 8.20 10.33
C ARG A 156 10.07 6.90 10.01
N ARG A 157 8.96 6.66 10.72
CA ARG A 157 8.19 5.44 10.53
C ARG A 157 7.54 5.33 9.16
N VAL A 158 7.14 6.48 8.60
CA VAL A 158 6.56 6.55 7.25
C VAL A 158 7.68 6.37 6.21
N HIS A 159 8.84 6.96 6.48
CA HIS A 159 10.01 6.80 5.60
C HIS A 159 10.44 5.34 5.44
N LEU A 160 10.38 4.56 6.52
CA LEU A 160 10.74 3.13 6.47
C LEU A 160 9.89 2.37 5.46
N GLU A 161 8.67 2.84 5.24
CA GLU A 161 7.73 2.22 4.30
C GLU A 161 7.83 2.77 2.88
N GLY A 162 8.88 3.56 2.62
CA GLY A 162 9.15 4.13 1.29
C GLY A 162 8.25 5.28 0.85
N ILE A 163 7.69 6.00 1.82
CA ILE A 163 6.76 7.08 1.53
C ILE A 163 7.38 8.39 2.00
N PHE A 164 7.38 9.39 1.12
CA PHE A 164 8.14 10.61 1.37
C PHE A 164 7.34 11.90 1.25
N GLN A 165 6.02 11.76 1.12
CA GLN A 165 5.10 12.91 1.10
C GLN A 165 3.94 12.67 2.05
N ALA A 166 3.38 13.76 2.56
CA ALA A 166 2.20 13.68 3.43
C ALA A 166 1.28 14.86 3.22
N VAL A 167 0.01 14.67 3.58
CA VAL A 167 -0.98 15.77 3.61
C VAL A 167 -1.58 15.86 5.03
N TYR A 168 -1.87 17.09 5.45
CA TYR A 168 -2.42 17.36 6.78
C TYR A 168 -3.11 18.72 6.80
N THR A 169 -4.01 18.90 7.76
CA THR A 169 -4.64 20.20 7.99
C THR A 169 -4.42 20.64 9.42
N ALA A 170 -4.48 21.96 9.63
CA ALA A 170 -4.36 22.56 10.95
C ALA A 170 -5.04 23.92 10.99
N GLY A 171 -5.56 24.28 12.16
CA GLY A 171 -6.17 25.59 12.38
C GLY A 171 -5.18 26.68 12.70
N VAL A 172 -3.89 26.37 12.63
CA VAL A 172 -2.82 27.34 12.85
C VAL A 172 -1.99 27.54 11.60
N VAL A 173 -1.40 28.73 11.46
CA VAL A 173 -0.56 29.07 10.32
C VAL A 173 0.88 28.59 10.50
N LEU A 174 1.28 27.67 9.63
CA LEU A 174 2.62 27.09 9.60
C LEU A 174 3.18 27.23 8.18
N PRO A 175 4.51 27.08 8.01
CA PRO A 175 5.00 27.06 6.63
C PRO A 175 4.62 25.74 5.93
N LYS A 176 3.93 25.78 4.78
CA LYS A 176 3.28 26.94 4.19
C LYS A 176 1.98 26.40 3.59
N PRO A 177 0.84 27.05 3.85
CA PRO A 177 -0.43 26.52 3.33
C PRO A 177 -0.49 26.42 1.81
N VAL A 178 -1.05 25.31 1.29
CA VAL A 178 -1.36 25.19 -0.14
C VAL A 178 -2.78 25.65 -0.44
N GLY A 179 -3.58 25.78 0.63
CA GLY A 179 -4.98 26.14 0.55
C GLY A 179 -5.50 26.57 1.91
N THR A 180 -6.45 27.50 1.91
CA THR A 180 -7.04 28.04 3.14
C THR A 180 -8.55 27.99 3.04
N CYS A 181 -9.17 27.27 3.97
CA CYS A 181 -10.62 27.11 4.01
C CYS A 181 -11.24 27.77 5.22
N ARG A 182 -12.54 28.08 5.12
CA ARG A 182 -13.29 28.67 6.22
C ARG A 182 -14.39 27.71 6.69
N TYR A 183 -14.61 27.71 8.00
CA TYR A 183 -15.68 26.93 8.61
CA TYR A 183 -15.65 26.95 8.65
C TYR A 183 -16.99 27.70 8.53
N TRP A 184 -18.05 27.00 8.12
CA TRP A 184 -19.42 27.54 8.12
C TRP A 184 -20.33 26.57 8.89
N HIS A 185 -21.34 27.13 9.57
CA HIS A 185 -22.26 26.34 10.39
C HIS A 185 -23.72 26.62 10.03
N ARG A 186 -24.54 25.56 9.97
CA ARG A 186 -25.97 25.68 9.70
C ARG A 186 -26.77 25.23 10.92
N SER A 187 -27.41 26.18 11.60
CA SER A 187 -28.20 25.87 12.79
C SER A 187 -29.38 24.92 12.50
N LEU A 188 -29.47 23.84 13.27
CA LEU A 188 -30.60 22.90 13.18
C LEU A 188 -31.48 22.97 14.44
N ASN A 189 -30.85 23.16 15.59
CA ASN A 189 -31.52 23.28 16.89
C ASN A 189 -31.10 24.62 17.50
N PRO A 190 -31.60 25.74 16.94
CA PRO A 190 -31.09 27.06 17.33
C PRO A 190 -31.27 27.41 18.81
N ARG A 191 -32.35 26.91 19.41
CA ARG A 191 -32.63 27.14 20.84
C ARG A 191 -31.53 26.57 21.75
N LYS A 192 -31.09 25.35 21.46
CA LYS A 192 -29.98 24.74 22.21
C LYS A 192 -28.67 25.44 21.93
N LEU A 193 -28.41 25.77 20.66
CA LEU A 193 -27.16 26.43 20.27
C LEU A 193 -26.97 27.78 20.95
N ILE A 194 -28.06 28.53 21.10
CA ILE A 194 -28.01 29.84 21.78
C ILE A 194 -27.84 29.66 23.28
N GLU A 195 -28.57 28.71 23.85
CA GLU A 195 -28.54 28.41 25.28
C GLU A 195 -27.14 28.02 25.78
N VAL A 196 -26.43 27.18 25.02
CA VAL A 196 -25.07 26.77 25.36
C VAL A 196 -23.99 27.76 24.85
N LYS A 197 -24.44 28.79 24.14
CA LYS A 197 -23.60 29.90 23.64
C LYS A 197 -22.66 29.53 22.49
N PHE A 198 -23.01 28.48 21.75
CA PHE A 198 -22.38 28.20 20.46
C PHE A 198 -22.71 29.35 19.51
N SER A 199 -23.96 29.79 19.57
CA SER A 199 -24.41 30.93 18.80
C SER A 199 -25.08 31.94 19.73
N HIS A 200 -25.39 33.11 19.19
CA HIS A 200 -26.08 34.14 19.96
C HIS A 200 -27.31 34.66 19.23
N LEU A 201 -28.30 35.09 20.01
CA LEU A 201 -29.51 35.70 19.49
C LEU A 201 -29.19 37.05 18.84
N SER A 202 -29.72 37.26 17.64
CA SER A 202 -29.63 38.55 16.97
C SER A 202 -30.39 39.59 17.79
N ARG A 203 -29.87 40.83 17.80
CA ARG A 203 -30.58 41.98 18.38
C ARG A 203 -31.83 42.30 17.55
N ASN A 204 -31.78 41.96 16.27
CA ASN A 204 -32.88 42.23 15.33
C ASN A 204 -33.83 41.03 15.13
N MET A 205 -33.59 39.95 15.87
CA MET A 205 -34.44 38.76 15.80
C MET A 205 -34.81 38.24 17.18
N THR A 206 -36.09 37.88 17.34
CA THR A 206 -36.56 37.19 18.53
C THR A 206 -36.20 35.70 18.40
N MET A 207 -36.26 34.97 19.51
CA MET A 207 -36.04 33.53 19.51
C MET A 207 -37.07 32.83 18.63
N GLN A 208 -38.32 33.26 18.75
CA GLN A 208 -39.43 32.76 17.92
C GLN A 208 -39.14 32.93 16.42
N ARG A 209 -38.62 34.10 16.04
CA ARG A 209 -38.23 34.37 14.65
C ARG A 209 -37.04 33.49 14.23
N THR A 210 -36.09 33.32 15.15
CA THR A 210 -34.90 32.51 14.89
C THR A 210 -35.26 31.04 14.59
N MET A 211 -36.16 30.47 15.40
CA MET A 211 -36.64 29.11 15.17
C MET A 211 -37.38 28.98 13.84
N LYS A 212 -38.14 30.01 13.48
CA LYS A 212 -38.84 30.06 12.20
C LYS A 212 -37.86 30.10 11.03
N LEU A 213 -36.84 30.95 11.14
CA LEU A 213 -35.82 31.10 10.10
C LEU A 213 -35.18 29.76 9.75
N TYR A 214 -34.83 28.99 10.79
CA TYR A 214 -34.08 27.74 10.59
C TYR A 214 -34.93 26.47 10.43
N ARG A 215 -36.25 26.59 10.55
CA ARG A 215 -37.13 25.43 10.49
C ARG A 215 -37.05 24.74 9.13
N LEU A 216 -37.03 23.41 9.15
CA LEU A 216 -36.85 22.61 7.96
C LEU A 216 -38.06 21.68 7.71
N PRO A 217 -38.24 21.24 6.45
CA PRO A 217 -39.25 20.22 6.16
C PRO A 217 -39.01 18.93 6.95
N GLU A 218 -40.07 18.13 7.14
CA GLU A 218 -39.99 16.91 7.94
C GLU A 218 -39.28 15.78 7.17
N THR A 219 -39.36 15.82 5.84
CA THR A 219 -38.79 14.79 4.98
C THR A 219 -38.10 15.40 3.76
N PRO A 220 -37.08 14.71 3.20
CA PRO A 220 -36.36 15.19 2.02
C PRO A 220 -37.24 15.28 0.78
N LYS A 221 -36.91 16.17 -0.14
CA LYS A 221 -37.74 16.38 -1.33
C LYS A 221 -37.28 15.65 -2.60
N THR A 222 -35.99 15.29 -2.66
CA THR A 222 -35.46 14.67 -3.88
C THR A 222 -36.04 13.29 -4.09
N ALA A 223 -36.60 13.08 -5.28
CA ALA A 223 -37.18 11.81 -5.69
C ALA A 223 -36.16 10.70 -5.69
N GLY A 224 -36.46 9.63 -4.95
CA GLY A 224 -35.66 8.41 -4.99
C GLY A 224 -34.44 8.39 -4.11
N LEU A 225 -34.35 9.37 -3.20
CA LEU A 225 -33.27 9.39 -2.20
C LEU A 225 -33.47 8.24 -1.21
N ARG A 226 -32.38 7.53 -0.90
CA ARG A 226 -32.39 6.39 0.02
C ARG A 226 -30.97 6.13 0.54
N PRO A 227 -30.81 5.42 1.68
CA PRO A 227 -29.45 5.13 2.13
C PRO A 227 -28.67 4.23 1.19
N MET A 228 -27.36 4.47 1.11
CA MET A 228 -26.43 3.62 0.36
C MET A 228 -26.49 2.18 0.85
N GLU A 229 -26.44 1.25 -0.10
CA GLU A 229 -26.40 -0.19 0.20
C GLU A 229 -25.20 -0.83 -0.46
N THR A 230 -24.93 -2.09 -0.13
CA THR A 230 -23.78 -2.81 -0.70
C THR A 230 -23.75 -2.77 -2.24
N LYS A 231 -24.91 -2.98 -2.88
CA LYS A 231 -24.98 -2.93 -4.35
C LYS A 231 -24.56 -1.58 -4.95
N ASP A 232 -24.54 -0.53 -4.13
CA ASP A 232 -24.23 0.82 -4.58
C ASP A 232 -22.72 1.15 -4.59
N ILE A 233 -21.91 0.28 -3.99
CA ILE A 233 -20.47 0.56 -3.84
C ILE A 233 -19.77 0.92 -5.17
N PRO A 234 -19.97 0.11 -6.23
CA PRO A 234 -19.28 0.44 -7.47
C PRO A 234 -19.69 1.78 -8.10
N VAL A 235 -21.01 2.03 -8.22
CA VAL A 235 -21.49 3.27 -8.81
C VAL A 235 -21.08 4.50 -7.99
N VAL A 236 -21.04 4.37 -6.66
CA VAL A 236 -20.56 5.45 -5.78
C VAL A 236 -19.08 5.72 -6.09
N HIS A 237 -18.29 4.67 -6.30
CA HIS A 237 -16.88 4.83 -6.67
C HIS A 237 -16.75 5.55 -8.00
N GLN A 238 -17.56 5.13 -8.97
CA GLN A 238 -17.56 5.69 -10.31
C GLN A 238 -17.96 7.16 -10.29
N LEU A 239 -19.02 7.49 -9.55
CA LEU A 239 -19.48 8.87 -9.42
C LEU A 239 -18.41 9.78 -8.79
N LEU A 240 -17.85 9.33 -7.67
CA LEU A 240 -16.86 10.13 -6.95
C LEU A 240 -15.60 10.36 -7.79
N THR A 241 -15.09 9.30 -8.41
CA THR A 241 -13.87 9.40 -9.21
C THR A 241 -14.02 10.44 -10.33
N ARG A 242 -15.13 10.37 -11.05
CA ARG A 242 -15.39 11.32 -12.14
C ARG A 242 -15.57 12.75 -11.63
N TYR A 243 -16.30 12.91 -10.52
CA TYR A 243 -16.59 14.22 -9.95
C TYR A 243 -15.34 14.97 -9.47
N LEU A 244 -14.42 14.22 -8.86
CA LEU A 244 -13.24 14.83 -8.23
C LEU A 244 -12.20 15.38 -9.21
N LYS A 245 -12.27 14.97 -10.48
CA LYS A 245 -11.28 15.38 -11.50
C LYS A 245 -11.14 16.90 -11.66
N GLN A 246 -12.23 17.62 -11.41
CA GLN A 246 -12.28 19.07 -11.61
C GLN A 246 -11.48 19.89 -10.59
N PHE A 247 -11.07 19.26 -9.48
CA PHE A 247 -10.32 19.94 -8.42
C PHE A 247 -8.81 19.67 -8.50
N HIS A 248 -8.01 20.43 -7.76
CA HIS A 248 -6.54 20.32 -7.84
C HIS A 248 -5.88 19.54 -6.70
N LEU A 249 -6.62 19.31 -5.62
CA LEU A 249 -6.14 18.49 -4.52
C LEU A 249 -7.25 17.53 -4.14
N THR A 250 -7.07 16.25 -4.48
CA THR A 250 -8.11 15.23 -4.25
C THR A 250 -7.52 13.89 -3.78
N PRO A 251 -8.35 13.06 -3.13
CA PRO A 251 -7.92 11.68 -2.91
C PRO A 251 -8.19 10.85 -4.15
N VAL A 252 -7.39 9.80 -4.33
CA VAL A 252 -7.64 8.76 -5.34
C VAL A 252 -8.00 7.47 -4.59
N MET A 253 -9.29 7.17 -4.55
CA MET A 253 -9.80 6.03 -3.78
C MET A 253 -10.02 4.80 -4.65
N SER A 254 -9.56 3.66 -4.15
CA SER A 254 -9.94 2.35 -4.67
C SER A 254 -11.40 2.06 -4.32
N GLN A 255 -11.96 1.01 -4.92
CA GLN A 255 -13.32 0.61 -4.59
C GLN A 255 -13.40 0.11 -3.13
N GLU A 256 -12.36 -0.58 -2.66
CA GLU A 256 -12.29 -0.98 -1.25
C GLU A 256 -12.27 0.22 -0.30
N GLU A 257 -11.57 1.27 -0.68
CA GLU A 257 -11.54 2.49 0.14
C GLU A 257 -12.90 3.17 0.17
N VAL A 258 -13.59 3.21 -0.98
CA VAL A 258 -14.93 3.82 -1.09
C VAL A 258 -15.92 3.08 -0.18
N GLU A 259 -15.85 1.75 -0.18
CA GLU A 259 -16.67 0.96 0.75
C GLU A 259 -16.42 1.39 2.20
N HIS A 260 -15.15 1.49 2.58
CA HIS A 260 -14.80 1.87 3.95
C HIS A 260 -15.31 3.27 4.32
N TRP A 261 -15.05 4.24 3.46
CA TRP A 261 -15.34 5.64 3.80
C TRP A 261 -16.81 6.03 3.67
N PHE A 262 -17.59 5.30 2.86
CA PHE A 262 -18.98 5.70 2.58
C PHE A 262 -20.09 4.74 3.00
N TYR A 263 -19.81 3.44 3.07
CA TYR A 263 -20.85 2.50 3.50
C TYR A 263 -21.38 2.92 4.87
N PRO A 264 -22.71 3.10 5.00
CA PRO A 264 -23.22 3.70 6.25
C PRO A 264 -22.96 2.88 7.53
N GLN A 265 -22.57 3.59 8.58
CA GLN A 265 -22.41 3.03 9.93
C GLN A 265 -23.05 4.02 10.88
N GLU A 266 -24.08 3.58 11.61
CA GLU A 266 -24.83 4.51 12.45
C GLU A 266 -23.94 5.24 13.44
N ASN A 267 -24.22 6.53 13.61
CA ASN A 267 -23.44 7.41 14.50
C ASN A 267 -21.96 7.59 14.11
N ILE A 268 -21.64 7.23 12.87
CA ILE A 268 -20.28 7.44 12.34
C ILE A 268 -20.33 8.13 10.97
N ILE A 269 -20.93 7.45 9.99
CA ILE A 269 -20.98 7.94 8.62
C ILE A 269 -22.33 7.60 7.98
N ASP A 270 -22.95 8.61 7.38
CA ASP A 270 -24.19 8.47 6.64
C ASP A 270 -23.96 8.83 5.17
N THR A 271 -24.47 7.98 4.27
CA THR A 271 -24.42 8.25 2.82
C THR A 271 -25.79 7.92 2.24
N PHE A 272 -26.35 8.88 1.51
CA PHE A 272 -27.64 8.69 0.83
C PHE A 272 -27.44 8.87 -0.67
N VAL A 273 -28.00 7.95 -1.46
CA VAL A 273 -27.89 8.01 -2.93
C VAL A 273 -29.24 8.40 -3.57
N VAL A 274 -29.20 9.01 -4.75
CA VAL A 274 -30.42 9.27 -5.52
C VAL A 274 -30.54 8.18 -6.57
N GLU A 275 -31.50 7.27 -6.38
CA GLU A 275 -31.84 6.24 -7.38
C GLU A 275 -33.10 6.69 -8.12
N ASN A 276 -32.92 7.04 -9.39
CA ASN A 276 -33.97 7.69 -10.18
C ASN A 276 -35.09 6.77 -10.70
N ALA A 277 -35.94 7.32 -11.58
CA ALA A 277 -37.11 6.62 -12.13
C ALA A 277 -36.73 5.42 -12.99
N ASN A 278 -35.47 5.40 -13.43
CA ASN A 278 -34.93 4.33 -14.27
C ASN A 278 -34.14 3.28 -13.49
N GLY A 279 -33.99 3.50 -12.19
CA GLY A 279 -33.23 2.59 -11.33
C GLY A 279 -31.74 2.88 -11.28
N GLU A 280 -31.35 4.04 -11.81
CA GLU A 280 -29.95 4.46 -11.89
C GLU A 280 -29.59 5.41 -10.75
N VAL A 281 -28.46 5.15 -10.11
CA VAL A 281 -27.92 6.04 -9.07
C VAL A 281 -27.14 7.17 -9.74
N THR A 282 -27.61 8.40 -9.57
CA THR A 282 -27.07 9.57 -10.28
C THR A 282 -26.42 10.64 -9.39
N ASP A 283 -26.62 10.52 -8.08
CA ASP A 283 -26.13 11.49 -7.12
C ASP A 283 -25.93 10.83 -5.76
N PHE A 284 -25.09 11.42 -4.92
CA PHE A 284 -25.03 11.04 -3.51
C PHE A 284 -24.59 12.16 -2.58
N LEU A 285 -25.07 12.11 -1.35
CA LEU A 285 -24.63 13.01 -0.29
C LEU A 285 -24.07 12.16 0.85
N SER A 286 -23.14 12.73 1.62
CA SER A 286 -22.58 12.08 2.80
C SER A 286 -22.19 13.09 3.88
N PHE A 287 -22.34 12.67 5.13
CA PHE A 287 -21.86 13.45 6.26
C PHE A 287 -21.38 12.54 7.37
N TYR A 288 -20.34 12.96 8.10
CA TYR A 288 -19.90 12.20 9.27
C TYR A 288 -20.34 12.80 10.62
N THR A 289 -20.40 11.94 11.64
CA THR A 289 -20.91 12.29 12.98
C THR A 289 -19.73 12.58 13.90
N LEU A 290 -19.70 13.76 14.50
CA LEU A 290 -18.63 14.14 15.44
C LEU A 290 -19.19 15.09 16.48
N PRO A 291 -19.55 14.56 17.68
CA PRO A 291 -20.04 15.45 18.72
C PRO A 291 -18.92 16.25 19.40
N SER A 292 -19.31 17.32 20.08
CA SER A 292 -18.39 18.09 20.92
C SER A 292 -18.84 18.07 22.39
N THR A 293 -17.87 18.12 23.29
CA THR A 293 -18.14 18.31 24.72
C THR A 293 -18.32 19.79 24.97
N ILE A 294 -19.36 20.14 25.73
CA ILE A 294 -19.57 21.52 26.17
C ILE A 294 -18.90 21.64 27.55
N MET A 295 -17.73 22.28 27.56
CA MET A 295 -16.84 22.26 28.72
C MET A 295 -17.46 22.97 29.92
N ASN A 296 -17.43 22.28 31.07
CA ASN A 296 -17.82 22.86 32.37
C ASN A 296 -19.29 23.28 32.48
N HIS A 297 -20.15 22.71 31.65
CA HIS A 297 -21.56 23.08 31.64
C HIS A 297 -22.38 22.14 32.51
N PRO A 298 -23.19 22.70 33.43
CA PRO A 298 -23.98 21.91 34.38
C PRO A 298 -25.11 21.07 33.76
N THR A 299 -25.77 21.58 32.73
CA THR A 299 -26.97 20.93 32.18
C THR A 299 -26.82 20.37 30.76
N HIS A 300 -26.18 21.12 29.87
CA HIS A 300 -25.95 20.63 28.51
C HIS A 300 -24.52 20.14 28.40
N LYS A 301 -24.37 18.83 28.20
CA LYS A 301 -23.03 18.24 28.25
C LYS A 301 -22.38 18.06 26.89
N SER A 302 -23.19 18.02 25.83
CA SER A 302 -22.71 17.69 24.50
C SER A 302 -23.50 18.39 23.41
N LEU A 303 -22.86 18.59 22.28
CA LEU A 303 -23.48 19.12 21.08
C LEU A 303 -23.24 18.13 19.93
N LYS A 304 -24.29 17.72 19.24
CA LYS A 304 -24.16 16.73 18.16
C LYS A 304 -24.02 17.47 16.84
N ALA A 305 -22.87 17.27 16.18
CA ALA A 305 -22.59 17.97 14.92
C ALA A 305 -22.43 16.99 13.77
N ALA A 306 -23.00 17.34 12.61
CA ALA A 306 -22.80 16.59 11.38
C ALA A 306 -21.82 17.38 10.50
N TYR A 307 -20.95 16.68 9.78
CA TYR A 307 -19.93 17.32 8.98
C TYR A 307 -20.05 16.87 7.54
N SER A 308 -20.27 17.84 6.65
CA SER A 308 -20.32 17.58 5.21
C SER A 308 -19.05 16.88 4.76
N PHE A 309 -19.22 15.77 4.05
CA PHE A 309 -18.10 14.93 3.61
C PHE A 309 -17.90 15.10 2.09
N TYR A 310 -18.31 14.13 1.29
CA TYR A 310 -18.29 14.30 -0.17
C TYR A 310 -19.70 14.29 -0.74
N ASN A 311 -20.00 15.29 -1.57
CA ASN A 311 -21.32 15.41 -2.19
C ASN A 311 -21.20 15.50 -3.71
N VAL A 312 -21.72 14.47 -4.39
CA VAL A 312 -21.57 14.35 -5.85
C VAL A 312 -22.93 14.52 -6.53
N HIS A 313 -22.99 15.46 -7.48
CA HIS A 313 -24.21 15.68 -8.27
C HIS A 313 -23.94 15.54 -9.76
N THR A 314 -24.83 14.84 -10.47
CA THR A 314 -24.80 14.77 -11.94
C THR A 314 -26.17 15.12 -12.55
N GLN A 315 -27.24 14.86 -11.81
CA GLN A 315 -28.61 15.12 -12.29
C GLN A 315 -29.46 15.95 -11.34
N THR A 316 -29.16 15.87 -10.04
CA THR A 316 -29.87 16.63 -9.01
C THR A 316 -29.06 17.87 -8.70
N PRO A 317 -29.71 19.05 -8.67
CA PRO A 317 -29.01 20.27 -8.30
C PRO A 317 -28.31 20.11 -6.95
N LEU A 318 -27.08 20.62 -6.85
CA LEU A 318 -26.33 20.52 -5.59
C LEU A 318 -27.10 21.18 -4.45
N LEU A 319 -27.71 22.34 -4.74
CA LEU A 319 -28.53 23.05 -3.77
C LEU A 319 -29.63 22.16 -3.16
N ASP A 320 -30.29 21.37 -4.01
CA ASP A 320 -31.35 20.45 -3.58
C ASP A 320 -30.79 19.29 -2.76
N LEU A 321 -29.66 18.75 -3.19
CA LEU A 321 -28.96 17.70 -2.45
C LEU A 321 -28.63 18.11 -1.02
N MET A 322 -28.07 19.31 -0.87
CA MET A 322 -27.64 19.80 0.44
C MET A 322 -28.82 20.18 1.33
N SER A 323 -29.89 20.68 0.72
CA SER A 323 -31.14 20.93 1.45
C SER A 323 -31.65 19.64 2.07
N ASP A 324 -31.59 18.55 1.31
CA ASP A 324 -31.95 17.23 1.82
C ASP A 324 -30.98 16.71 2.90
N ALA A 325 -29.69 17.00 2.75
CA ALA A 325 -28.71 16.66 3.80
C ALA A 325 -29.07 17.34 5.12
N LEU A 326 -29.45 18.62 5.06
CA LEU A 326 -29.90 19.35 6.26
C LEU A 326 -31.11 18.69 6.91
N VAL A 327 -32.12 18.36 6.12
CA VAL A 327 -33.34 17.69 6.61
C VAL A 327 -33.02 16.35 7.27
N LEU A 328 -32.21 15.52 6.59
CA LEU A 328 -31.79 14.24 7.14
C LEU A 328 -31.04 14.36 8.46
N ALA A 329 -30.14 15.34 8.55
CA ALA A 329 -29.38 15.59 9.79
C ALA A 329 -30.32 16.00 10.93
N LYS A 330 -31.28 16.87 10.64
CA LYS A 330 -32.28 17.24 11.65
C LYS A 330 -33.10 16.05 12.12
N MET A 331 -33.55 15.21 11.19
CA MET A 331 -34.29 13.98 11.54
C MET A 331 -33.49 13.07 12.46
N LYS A 332 -32.17 13.02 12.25
CA LYS A 332 -31.25 12.18 13.03
C LYS A 332 -30.76 12.82 14.33
N GLY A 333 -31.32 13.98 14.66
CA GLY A 333 -31.09 14.62 15.95
C GLY A 333 -29.85 15.51 16.08
N PHE A 334 -29.25 15.89 14.96
CA PHE A 334 -28.10 16.81 15.01
C PHE A 334 -28.54 18.22 15.42
N ASP A 335 -27.64 18.93 16.12
CA ASP A 335 -27.91 20.30 16.56
C ASP A 335 -27.41 21.32 15.53
N VAL A 336 -26.37 20.93 14.78
CA VAL A 336 -25.74 21.80 13.78
C VAL A 336 -25.16 20.96 12.63
N PHE A 337 -25.15 21.55 11.44
CA PHE A 337 -24.54 20.96 10.24
C PHE A 337 -23.37 21.82 9.79
N ASN A 338 -22.18 21.24 9.76
CA ASN A 338 -20.94 21.95 9.46
C ASN A 338 -20.42 21.69 8.05
N ALA A 339 -19.99 22.75 7.37
CA ALA A 339 -19.33 22.57 6.07
C ALA A 339 -18.22 23.60 5.84
N LEU A 340 -17.23 23.19 5.04
CA LEU A 340 -16.14 24.09 4.64
C LEU A 340 -16.53 24.80 3.36
N ASP A 341 -15.74 25.80 2.97
CA ASP A 341 -15.99 26.53 1.72
C ASP A 341 -15.24 25.94 0.51
N LEU A 342 -14.87 24.66 0.60
CA LEU A 342 -14.13 24.01 -0.49
C LEU A 342 -15.05 23.40 -1.53
N MET A 343 -14.45 22.75 -2.54
CA MET A 343 -15.20 22.25 -3.70
C MET A 343 -16.21 23.31 -4.19
N GLU A 344 -17.45 22.93 -4.45
CA GLU A 344 -18.46 23.90 -4.91
C GLU A 344 -19.34 24.44 -3.78
N ASN A 345 -18.87 24.33 -2.54
CA ASN A 345 -19.73 24.61 -1.40
C ASN A 345 -20.21 26.06 -1.29
N LYS A 346 -19.38 27.01 -1.74
CA LYS A 346 -19.77 28.43 -1.73
C LYS A 346 -21.05 28.69 -2.53
N THR A 347 -21.35 27.82 -3.49
CA THR A 347 -22.57 27.97 -4.30
C THR A 347 -23.87 27.78 -3.49
N PHE A 348 -23.78 27.10 -2.35
CA PHE A 348 -24.97 26.84 -1.52
C PHE A 348 -24.96 27.40 -0.11
N LEU A 349 -23.78 27.78 0.40
CA LEU A 349 -23.64 28.10 1.83
C LEU A 349 -24.57 29.22 2.28
N GLU A 350 -24.55 30.35 1.59
CA GLU A 350 -25.39 31.49 1.99
C GLU A 350 -26.88 31.26 1.71
N LYS A 351 -27.18 30.57 0.62
CA LYS A 351 -28.56 30.24 0.23
C LYS A 351 -29.29 29.36 1.24
N LEU A 352 -28.57 28.41 1.83
CA LEU A 352 -29.15 27.48 2.79
C LEU A 352 -28.92 27.94 4.24
N LYS A 353 -28.62 29.22 4.41
CA LYS A 353 -28.57 29.88 5.72
C LYS A 353 -27.46 29.39 6.65
N PHE A 354 -26.34 28.98 6.06
CA PHE A 354 -25.10 28.77 6.80
C PHE A 354 -24.55 30.13 7.21
N GLY A 355 -23.89 30.19 8.36
CA GLY A 355 -23.18 31.39 8.79
C GLY A 355 -21.70 31.09 8.99
N ILE A 356 -20.84 32.07 8.73
CA ILE A 356 -19.40 31.88 8.83
C ILE A 356 -18.94 31.74 10.30
N GLY A 357 -17.98 30.84 10.52
CA GLY A 357 -17.43 30.62 11.86
C GLY A 357 -16.13 31.37 12.09
N ASP A 358 -15.60 31.27 13.31
CA ASP A 358 -14.27 31.78 13.61
C ASP A 358 -13.22 30.85 13.00
N GLY A 359 -12.05 31.40 12.66
CA GLY A 359 -10.89 30.58 12.33
C GLY A 359 -10.73 30.15 10.88
N ASN A 360 -9.56 29.62 10.56
CA ASN A 360 -9.27 29.10 9.23
C ASN A 360 -8.76 27.69 9.35
N LEU A 361 -9.08 26.87 8.35
CA LEU A 361 -8.47 25.54 8.22
C LEU A 361 -7.46 25.60 7.09
N GLN A 362 -6.19 25.44 7.44
CA GLN A 362 -5.11 25.45 6.45
C GLN A 362 -4.82 24.02 5.99
N TYR A 363 -4.59 23.86 4.69
CA TYR A 363 -4.17 22.58 4.11
C TYR A 363 -2.70 22.65 3.78
N TYR A 364 -1.99 21.56 4.07
CA TYR A 364 -0.54 21.52 3.91
C TYR A 364 -0.11 20.24 3.22
N LEU A 365 1.02 20.30 2.55
CA LEU A 365 1.70 19.11 2.09
C LEU A 365 3.10 19.11 2.70
N TYR A 366 3.62 17.92 2.99
CA TYR A 366 4.98 17.77 3.49
C TYR A 366 5.84 17.28 2.34
N ASN A 367 6.95 17.98 2.11
CA ASN A 367 7.91 17.64 1.04
C ASN A 367 7.29 17.64 -0.39
N TRP A 368 6.49 18.67 -0.66
CA TRP A 368 5.95 18.87 -2.01
C TRP A 368 5.66 20.34 -2.26
N LYS A 369 6.46 20.95 -3.12
CA LYS A 369 6.27 22.35 -3.48
C LYS A 369 5.34 22.42 -4.69
N CYS A 370 4.33 23.28 -4.59
CA CYS A 370 3.40 23.55 -5.68
C CYS A 370 2.74 24.90 -5.41
N PRO A 371 2.14 25.51 -6.45
CA PRO A 371 1.44 26.77 -6.23
C PRO A 371 0.22 26.58 -5.33
N SER A 372 -0.11 27.60 -4.55
CA SER A 372 -1.29 27.56 -3.71
C SER A 372 -2.57 27.62 -4.56
N MET A 373 -3.69 27.22 -3.98
CA MET A 373 -4.97 27.20 -4.69
C MET A 373 -6.08 27.80 -3.84
N GLY A 374 -7.08 28.37 -4.50
CA GLY A 374 -8.28 28.84 -3.82
C GLY A 374 -9.07 27.69 -3.23
N ALA A 375 -9.88 27.99 -2.22
CA ALA A 375 -10.66 26.96 -1.52
C ALA A 375 -11.52 26.12 -2.47
N GLU A 376 -11.99 26.75 -3.54
CA GLU A 376 -12.87 26.11 -4.53
CA GLU A 376 -12.88 26.09 -4.50
C GLU A 376 -12.18 25.00 -5.31
N LYS A 377 -10.84 24.99 -5.30
CA LYS A 377 -10.05 23.98 -6.01
C LYS A 377 -9.57 22.86 -5.08
N VAL A 378 -9.83 23.00 -3.77
CA VAL A 378 -9.52 21.96 -2.78
C VAL A 378 -10.64 20.91 -2.76
N GLY A 379 -10.31 19.66 -3.04
CA GLY A 379 -11.31 18.58 -3.10
C GLY A 379 -10.98 17.41 -2.21
N LEU A 380 -10.51 17.72 -0.99
CA LEU A 380 -10.11 16.71 -0.02
C LEU A 380 -10.72 17.09 1.32
N VAL A 381 -11.42 16.14 1.93
CA VAL A 381 -12.02 16.34 3.25
C VAL A 381 -11.49 15.29 4.22
N LEU A 382 -10.91 15.74 5.32
CA LEU A 382 -10.38 14.82 6.33
C LEU A 382 -11.25 14.72 7.58
N GLN A 383 -10.97 13.72 8.42
CA GLN A 383 -11.77 13.44 9.61
C GLN A 383 -11.34 14.28 10.81
N ARG B 2 -0.53 -16.08 -31.96
CA ARG B 2 -1.99 -16.40 -32.14
C ARG B 2 -2.22 -17.76 -32.82
N SER B 3 -3.38 -18.39 -32.58
CA SER B 3 -4.46 -17.83 -31.75
C SER B 3 -4.33 -18.19 -30.26
N TYR B 4 -4.84 -17.29 -29.42
CA TYR B 4 -4.88 -17.49 -27.97
C TYR B 4 -6.31 -17.19 -27.47
N GLN B 5 -7.10 -18.25 -27.26
CA GLN B 5 -8.50 -18.12 -26.87
C GLN B 5 -8.71 -17.19 -25.67
N PHE B 6 -7.86 -17.33 -24.66
CA PHE B 6 -7.95 -16.44 -23.49
C PHE B 6 -7.15 -15.15 -23.67
N TRP B 7 -5.86 -15.28 -24.00
CA TRP B 7 -4.98 -14.10 -24.04
C TRP B 7 -5.31 -13.05 -25.10
N ASP B 8 -5.96 -13.46 -26.19
CA ASP B 8 -6.41 -12.47 -27.18
C ASP B 8 -7.48 -11.52 -26.62
N THR B 9 -8.10 -11.90 -25.50
CA THR B 9 -9.14 -11.08 -24.86
C THR B 9 -8.58 -10.04 -23.88
N GLN B 10 -7.27 -10.13 -23.61
CA GLN B 10 -6.63 -9.39 -22.51
C GLN B 10 -5.91 -8.10 -22.92
N PRO B 11 -5.74 -7.15 -21.97
CA PRO B 11 -5.05 -5.89 -22.26
C PRO B 11 -3.52 -6.03 -22.30
N VAL B 12 -3.04 -6.81 -23.27
CA VAL B 12 -1.60 -7.04 -23.49
C VAL B 12 -1.26 -6.81 -24.98
N PRO B 13 0.02 -6.55 -25.31
CA PRO B 13 0.35 -6.35 -26.73
C PRO B 13 0.32 -7.66 -27.51
N LYS B 14 0.21 -7.56 -28.83
CA LYS B 14 0.18 -8.74 -29.69
C LYS B 14 1.58 -9.25 -29.94
N LEU B 15 1.71 -10.57 -30.10
CA LEU B 15 2.96 -11.16 -30.56
C LEU B 15 3.36 -10.56 -31.90
N GLY B 16 4.62 -10.15 -32.01
CA GLY B 16 5.15 -9.57 -33.25
C GLY B 16 4.97 -8.07 -33.36
N GLU B 17 4.17 -7.50 -32.46
CA GLU B 17 3.89 -6.05 -32.45
C GLU B 17 5.14 -5.24 -32.10
N VAL B 18 5.54 -4.34 -33.00
CA VAL B 18 6.61 -3.38 -32.70
C VAL B 18 6.02 -2.28 -31.83
N VAL B 19 6.67 -2.01 -30.69
CA VAL B 19 6.16 -1.04 -29.72
C VAL B 19 7.10 0.15 -29.58
N ASN B 20 6.55 1.35 -29.69
CA ASN B 20 7.31 2.60 -29.50
C ASN B 20 6.63 3.54 -28.50
N THR B 21 5.70 2.98 -27.73
CA THR B 21 4.93 3.73 -26.74
C THR B 21 5.20 3.18 -25.34
N HIS B 22 4.73 3.90 -24.32
CA HIS B 22 4.88 3.48 -22.91
C HIS B 22 3.61 3.86 -22.14
N GLY B 23 2.83 2.87 -21.73
CA GLY B 23 1.63 3.14 -20.93
C GLY B 23 0.57 2.05 -20.92
N PRO B 24 -0.58 2.32 -20.25
CA PRO B 24 -1.63 1.30 -20.16
C PRO B 24 -2.28 0.96 -21.50
N VAL B 25 -2.85 -0.23 -21.58
CA VAL B 25 -3.49 -0.76 -22.78
C VAL B 25 -5.01 -0.46 -22.79
N GLU B 26 -5.59 -0.30 -21.60
CA GLU B 26 -7.03 -0.03 -21.48
C GLU B 26 -7.30 0.98 -20.37
N PRO B 27 -8.47 1.64 -20.39
CA PRO B 27 -8.76 2.55 -19.29
C PRO B 27 -9.00 1.75 -18.00
N ASP B 28 -8.63 2.32 -16.87
CA ASP B 28 -8.94 1.75 -15.57
C ASP B 28 -10.42 1.37 -15.44
N LYS B 29 -10.70 0.29 -14.72
CA LYS B 29 -12.06 -0.01 -14.27
C LYS B 29 -12.40 0.99 -13.17
N ASP B 30 -13.56 1.64 -13.25
CA ASP B 30 -13.99 2.60 -12.22
C ASP B 30 -15.27 2.12 -11.54
N ASN B 31 -15.79 1.03 -12.08
CA ASN B 31 -16.84 0.26 -11.50
C ASN B 31 -16.14 -1.08 -11.61
N ILE B 32 -16.04 -1.82 -10.51
CA ILE B 32 -15.41 -3.15 -10.59
C ILE B 32 -16.44 -4.19 -10.22
N ARG B 33 -16.49 -5.27 -11.00
CA ARG B 33 -17.42 -6.38 -10.78
C ARG B 33 -17.31 -6.87 -9.33
N GLN B 34 -18.44 -6.88 -8.61
CA GLN B 34 -18.44 -7.27 -7.19
C GLN B 34 -18.51 -8.75 -6.92
N GLU B 35 -19.07 -9.50 -7.86
CA GLU B 35 -19.18 -10.94 -7.69
C GLU B 35 -18.00 -11.66 -8.34
N PRO B 36 -17.50 -12.70 -7.66
CA PRO B 36 -16.44 -13.55 -8.20
C PRO B 36 -16.88 -14.20 -9.50
N TYR B 37 -15.93 -14.40 -10.41
CA TYR B 37 -16.21 -15.09 -11.66
C TYR B 37 -16.68 -16.53 -11.40
N THR B 38 -17.46 -17.06 -12.34
CA THR B 38 -18.00 -18.41 -12.24
C THR B 38 -16.95 -19.46 -12.62
N LEU B 39 -16.69 -20.38 -11.69
CA LEU B 39 -15.80 -21.52 -11.96
C LEU B 39 -16.58 -22.65 -12.61
N PRO B 40 -15.88 -23.60 -13.26
CA PRO B 40 -16.55 -24.78 -13.78
C PRO B 40 -17.35 -25.48 -12.66
N GLN B 41 -18.47 -26.11 -13.02
CA GLN B 41 -19.32 -26.74 -12.01
C GLN B 41 -18.57 -27.75 -11.13
N GLY B 42 -18.83 -27.70 -9.84
CA GLY B 42 -18.15 -28.58 -8.88
C GLY B 42 -16.94 -27.95 -8.19
N PHE B 43 -16.67 -26.69 -8.50
CA PHE B 43 -15.53 -26.00 -7.90
C PHE B 43 -15.94 -24.65 -7.34
N THR B 44 -15.19 -24.17 -6.34
CA THR B 44 -15.55 -22.93 -5.64
C THR B 44 -14.31 -22.21 -5.09
N TRP B 45 -14.42 -20.88 -4.93
CA TRP B 45 -13.33 -20.05 -4.40
C TRP B 45 -13.18 -20.21 -2.90
N ASP B 46 -11.94 -20.11 -2.43
CA ASP B 46 -11.64 -20.01 -0.99
C ASP B 46 -10.29 -19.31 -0.79
N ALA B 47 -10.34 -18.12 -0.19
CA ALA B 47 -9.12 -17.41 0.19
C ALA B 47 -8.37 -18.22 1.27
N LEU B 48 -7.06 -18.39 1.09
CA LEU B 48 -6.28 -19.21 2.03
C LEU B 48 -5.53 -18.37 3.06
N ASP B 49 -5.87 -18.59 4.33
CA ASP B 49 -5.19 -17.95 5.46
C ASP B 49 -3.92 -18.74 5.76
N LEU B 50 -2.78 -18.23 5.29
CA LEU B 50 -1.52 -18.98 5.44
C LEU B 50 -0.99 -18.97 6.87
N GLY B 51 -1.58 -18.15 7.72
CA GLY B 51 -1.30 -18.14 9.17
C GLY B 51 -1.94 -19.30 9.90
N ASP B 52 -2.93 -19.92 9.25
CA ASP B 52 -3.56 -21.15 9.73
C ASP B 52 -2.68 -22.31 9.23
N ARG B 53 -2.11 -23.07 10.16
CA ARG B 53 -1.08 -24.05 9.85
C ARG B 53 -1.55 -25.17 8.91
N GLY B 54 -2.74 -25.70 9.17
CA GLY B 54 -3.31 -26.77 8.35
C GLY B 54 -3.58 -26.32 6.92
N VAL B 55 -4.01 -25.06 6.78
CA VAL B 55 -4.23 -24.47 5.44
C VAL B 55 -2.92 -24.29 4.70
N LEU B 56 -1.89 -23.77 5.37
CA LEU B 56 -0.56 -23.64 4.76
C LEU B 56 -0.06 -25.01 4.30
N LYS B 57 -0.29 -26.04 5.12
CA LYS B 57 0.01 -27.43 4.76
C LYS B 57 -0.73 -27.91 3.51
N GLU B 58 -1.98 -27.47 3.34
CA GLU B 58 -2.75 -27.82 2.14
C GLU B 58 -2.14 -27.19 0.89
N LEU B 59 -1.70 -25.94 1.00
CA LEU B 59 -1.03 -25.26 -0.12
C LEU B 59 0.30 -25.93 -0.45
N TYR B 60 1.12 -26.18 0.58
CA TYR B 60 2.39 -26.92 0.43
C TYR B 60 2.19 -28.22 -0.35
N THR B 61 1.16 -28.96 0.02
CA THR B 61 0.88 -30.27 -0.58
C THR B 61 0.44 -30.14 -2.03
N LEU B 62 -0.46 -29.19 -2.32
CA LEU B 62 -0.86 -28.93 -3.70
C LEU B 62 0.34 -28.61 -4.60
N LEU B 63 1.20 -27.70 -4.15
CA LEU B 63 2.37 -27.29 -4.96
C LEU B 63 3.42 -28.41 -5.05
N ASN B 64 3.68 -29.07 -3.92
CA ASN B 64 4.63 -30.18 -3.89
C ASN B 64 4.29 -31.27 -4.92
N GLU B 65 2.99 -31.47 -5.15
CA GLU B 65 2.52 -32.55 -6.01
C GLU B 65 2.13 -32.14 -7.43
N ASN B 66 1.93 -30.83 -7.64
CA ASN B 66 1.34 -30.35 -8.91
C ASN B 66 1.98 -29.10 -9.52
N TYR B 67 3.02 -28.55 -8.89
CA TYR B 67 3.64 -27.31 -9.40
C TYR B 67 4.69 -27.60 -10.49
N VAL B 68 5.60 -26.65 -10.74
CA VAL B 68 6.49 -26.69 -11.91
C VAL B 68 7.45 -27.88 -11.91
N GLU B 69 7.47 -28.60 -13.03
CA GLU B 69 8.42 -29.68 -13.28
C GLU B 69 9.38 -29.26 -14.39
N ASP B 70 10.54 -29.91 -14.45
CA ASP B 70 11.52 -29.60 -15.51
C ASP B 70 11.02 -30.16 -16.84
N ASP B 71 11.75 -29.89 -17.92
CA ASP B 71 11.33 -30.33 -19.25
C ASP B 71 11.47 -31.84 -19.49
N ASP B 72 12.14 -32.54 -18.58
CA ASP B 72 12.26 -33.99 -18.65
C ASP B 72 11.31 -34.72 -17.70
N ASN B 73 10.47 -33.95 -17.00
CA ASN B 73 9.56 -34.47 -15.97
C ASN B 73 10.27 -35.37 -14.94
N MET B 74 11.37 -34.86 -14.41
CA MET B 74 12.24 -35.60 -13.50
C MET B 74 12.35 -34.95 -12.13
N PHE B 75 12.15 -33.62 -12.10
CA PHE B 75 12.27 -32.84 -10.87
C PHE B 75 11.12 -31.85 -10.77
N ARG B 76 10.56 -31.71 -9.57
CA ARG B 76 9.51 -30.74 -9.31
C ARG B 76 9.89 -29.91 -8.10
N PHE B 77 9.55 -28.62 -8.13
CA PHE B 77 9.86 -27.74 -7.01
C PHE B 77 9.27 -28.27 -5.71
N ASP B 78 10.04 -28.12 -4.64
CA ASP B 78 9.63 -28.50 -3.30
C ASP B 78 9.75 -27.30 -2.35
N TYR B 79 8.90 -26.30 -2.58
CA TYR B 79 8.78 -25.11 -1.71
C TYR B 79 8.36 -25.53 -0.29
N SER B 80 9.12 -25.10 0.72
CA SER B 80 8.77 -25.42 2.12
C SER B 80 7.65 -24.48 2.61
N PRO B 81 6.95 -24.86 3.70
CA PRO B 81 5.95 -23.95 4.29
C PRO B 81 6.55 -22.59 4.65
N GLU B 82 7.69 -22.61 5.34
CA GLU B 82 8.38 -21.39 5.78
C GLU B 82 8.82 -20.54 4.59
N PHE B 83 9.27 -21.18 3.50
CA PHE B 83 9.55 -20.44 2.26
C PHE B 83 8.29 -19.79 1.72
N LEU B 84 7.18 -20.53 1.68
CA LEU B 84 5.91 -19.98 1.20
C LEU B 84 5.46 -18.75 1.99
N LEU B 85 5.66 -18.78 3.30
CA LEU B 85 5.35 -17.60 4.14
C LEU B 85 6.22 -16.40 3.80
N TRP B 86 7.49 -16.65 3.50
CA TRP B 86 8.43 -15.58 3.11
C TRP B 86 7.99 -14.97 1.78
N ALA B 87 7.67 -15.83 0.81
CA ALA B 87 7.28 -15.40 -0.53
C ALA B 87 5.90 -14.76 -0.60
N LEU B 88 4.96 -15.26 0.20
CA LEU B 88 3.57 -14.84 0.06
C LEU B 88 3.10 -13.79 1.08
N ARG B 89 3.86 -13.62 2.16
CA ARG B 89 3.55 -12.57 3.14
C ARG B 89 4.63 -11.47 3.33
N PRO B 90 5.06 -10.83 2.22
CA PRO B 90 5.95 -9.66 2.32
C PRO B 90 5.15 -8.44 2.79
N PRO B 91 5.84 -7.32 3.09
CA PRO B 91 5.12 -6.12 3.49
C PRO B 91 3.99 -5.76 2.52
N GLY B 92 2.80 -5.53 3.06
CA GLY B 92 1.65 -5.14 2.27
C GLY B 92 0.78 -6.28 1.75
N TRP B 93 1.15 -7.53 2.07
CA TRP B 93 0.35 -8.68 1.62
C TRP B 93 -1.10 -8.54 2.06
N LEU B 94 -2.01 -9.07 1.24
CA LEU B 94 -3.46 -9.03 1.48
C LEU B 94 -4.07 -10.44 1.43
N PRO B 95 -5.00 -10.75 2.35
CA PRO B 95 -5.59 -12.09 2.44
C PRO B 95 -6.39 -12.55 1.22
N GLN B 96 -7.12 -11.63 0.58
CA GLN B 96 -7.92 -11.94 -0.60
CA GLN B 96 -7.92 -11.96 -0.60
C GLN B 96 -7.04 -12.33 -1.80
N TRP B 97 -5.76 -11.96 -1.73
CA TRP B 97 -4.83 -12.20 -2.82
C TRP B 97 -4.15 -13.56 -2.77
N HIS B 98 -4.49 -14.37 -1.76
CA HIS B 98 -4.09 -15.77 -1.71
C HIS B 98 -5.30 -16.60 -2.15
N CYS B 99 -5.43 -16.79 -3.47
CA CYS B 99 -6.71 -17.20 -4.04
C CYS B 99 -6.75 -18.69 -4.38
N GLY B 100 -7.46 -19.45 -3.55
CA GLY B 100 -7.58 -20.89 -3.78
C GLY B 100 -8.84 -21.32 -4.50
N VAL B 101 -8.80 -22.53 -5.05
CA VAL B 101 -9.97 -23.18 -5.64
C VAL B 101 -10.12 -24.54 -4.96
N ARG B 102 -11.32 -24.85 -4.49
CA ARG B 102 -11.58 -26.14 -3.84
C ARG B 102 -12.74 -26.88 -4.52
N VAL B 103 -12.73 -28.20 -4.39
CA VAL B 103 -13.85 -29.03 -4.83
C VAL B 103 -15.03 -28.75 -3.90
N VAL B 104 -16.17 -28.46 -4.45
CA VAL B 104 -17.30 -28.10 -3.62
C VAL B 104 -17.69 -29.14 -2.55
N SER B 105 -17.81 -30.39 -2.97
CA SER B 105 -18.30 -31.43 -2.07
C SER B 105 -17.29 -31.84 -0.99
N SER B 106 -16.04 -32.03 -1.39
CA SER B 106 -14.99 -32.58 -0.52
C SER B 106 -14.13 -31.50 0.13
N ARG B 107 -14.13 -30.32 -0.47
CA ARG B 107 -13.30 -29.17 -0.06
C ARG B 107 -11.79 -29.33 -0.35
N LYS B 108 -11.43 -30.37 -1.09
CA LYS B 108 -10.04 -30.59 -1.49
C LYS B 108 -9.48 -29.38 -2.23
N LEU B 109 -8.28 -28.94 -1.85
CA LEU B 109 -7.62 -27.85 -2.57
C LEU B 109 -7.07 -28.35 -3.90
N VAL B 110 -7.53 -27.73 -4.98
CA VAL B 110 -7.17 -28.17 -6.35
C VAL B 110 -6.64 -27.07 -7.27
N GLY B 111 -6.67 -25.82 -6.82
CA GLY B 111 -6.10 -24.72 -7.59
C GLY B 111 -5.61 -23.60 -6.70
N PHE B 112 -4.72 -22.77 -7.23
CA PHE B 112 -4.21 -21.61 -6.49
C PHE B 112 -3.63 -20.58 -7.46
N ILE B 113 -3.69 -19.31 -7.06
CA ILE B 113 -2.96 -18.21 -7.70
C ILE B 113 -2.77 -17.12 -6.64
N SER B 114 -1.68 -16.36 -6.73
CA SER B 114 -1.40 -15.33 -5.73
C SER B 114 -0.94 -14.01 -6.33
N ALA B 115 -1.22 -12.93 -5.60
CA ALA B 115 -0.69 -11.60 -5.88
C ALA B 115 -0.01 -11.06 -4.63
N ILE B 116 1.13 -10.40 -4.81
CA ILE B 116 1.75 -9.58 -3.77
C ILE B 116 2.05 -8.19 -4.34
N PRO B 117 1.95 -7.14 -3.51
CA PRO B 117 2.20 -5.80 -4.00
C PRO B 117 3.68 -5.58 -4.28
N ALA B 118 3.96 -4.81 -5.33
CA ALA B 118 5.33 -4.44 -5.67
C ALA B 118 5.31 -3.13 -6.42
N ASN B 119 6.20 -2.21 -6.02
CA ASN B 119 6.46 -1.03 -6.82
C ASN B 119 7.51 -1.36 -7.86
N ILE B 120 7.20 -1.04 -9.11
CA ILE B 120 8.02 -1.47 -10.25
C ILE B 120 8.49 -0.29 -11.07
N HIS B 121 9.79 -0.25 -11.33
CA HIS B 121 10.36 0.75 -12.22
C HIS B 121 10.47 0.12 -13.61
N ILE B 122 9.76 0.71 -14.58
CA ILE B 122 9.80 0.24 -15.96
C ILE B 122 10.13 1.43 -16.87
N TYR B 123 11.33 1.39 -17.44
CA TYR B 123 11.87 2.52 -18.22
C TYR B 123 11.70 3.78 -17.35
N ASP B 124 11.08 4.84 -17.88
CA ASP B 124 10.94 6.12 -17.13
C ASP B 124 9.79 6.27 -16.12
N THR B 125 9.09 5.17 -15.86
CA THR B 125 7.90 5.19 -15.03
C THR B 125 8.03 4.28 -13.80
N GLU B 126 7.58 4.77 -12.65
CA GLU B 126 7.38 3.93 -11.46
C GLU B 126 5.88 3.73 -11.25
N LYS B 127 5.46 2.47 -11.20
CA LYS B 127 4.04 2.11 -11.02
C LYS B 127 3.87 1.16 -9.84
N LYS B 128 2.81 1.37 -9.05
CA LYS B 128 2.39 0.36 -8.06
C LYS B 128 1.77 -0.78 -8.83
N MET B 129 2.34 -1.98 -8.69
CA MET B 129 1.85 -3.16 -9.38
C MET B 129 1.61 -4.32 -8.40
N VAL B 130 1.22 -5.48 -8.93
CA VAL B 130 1.36 -6.74 -8.20
C VAL B 130 2.27 -7.69 -8.98
N GLU B 131 2.87 -8.61 -8.25
CA GLU B 131 3.59 -9.75 -8.84
C GLU B 131 2.70 -10.98 -8.68
N ILE B 132 2.45 -11.67 -9.79
CA ILE B 132 1.63 -12.87 -9.82
C ILE B 132 2.53 -14.09 -9.84
N ASN B 133 2.25 -15.03 -8.96
CA ASN B 133 3.06 -16.24 -8.83
C ASN B 133 2.22 -17.41 -8.31
N PHE B 134 2.79 -18.61 -8.40
CA PHE B 134 2.20 -19.84 -7.85
C PHE B 134 0.86 -20.25 -8.47
N LEU B 135 0.64 -19.88 -9.74
CA LEU B 135 -0.51 -20.37 -10.50
C LEU B 135 -0.40 -21.88 -10.60
N CYS B 136 -1.38 -22.61 -10.09
CA CYS B 136 -1.30 -24.07 -10.07
C CYS B 136 -2.67 -24.71 -10.17
N VAL B 137 -2.79 -25.72 -11.04
CA VAL B 137 -4.00 -26.53 -11.14
C VAL B 137 -3.63 -27.99 -10.94
N HIS B 138 -4.41 -28.70 -10.14
CA HIS B 138 -4.16 -30.10 -9.84
C HIS B 138 -4.01 -30.87 -11.15
N LYS B 139 -3.09 -31.84 -11.17
CA LYS B 139 -2.85 -32.67 -12.35
C LYS B 139 -4.12 -33.27 -12.97
N LYS B 140 -5.06 -33.68 -12.13
CA LYS B 140 -6.28 -34.31 -12.64
C LYS B 140 -7.37 -33.30 -13.05
N LEU B 141 -7.04 -32.02 -12.95
CA LEU B 141 -7.95 -30.96 -13.36
C LEU B 141 -7.41 -30.21 -14.59
N ARG B 142 -6.29 -30.69 -15.14
CA ARG B 142 -5.59 -29.99 -16.22
C ARG B 142 -6.38 -29.96 -17.53
N SER B 143 -6.17 -28.89 -18.31
CA SER B 143 -6.81 -28.71 -19.62
C SER B 143 -8.33 -28.67 -19.52
N LYS B 144 -8.84 -28.08 -18.44
CA LYS B 144 -10.28 -27.93 -18.22
C LYS B 144 -10.69 -26.47 -18.12
N ARG B 145 -9.76 -25.59 -18.49
CA ARG B 145 -9.96 -24.14 -18.56
C ARG B 145 -10.18 -23.49 -17.20
N VAL B 146 -9.52 -24.03 -16.19
CA VAL B 146 -9.54 -23.44 -14.86
C VAL B 146 -8.57 -22.25 -14.78
N ALA B 147 -7.42 -22.36 -15.46
CA ALA B 147 -6.39 -21.31 -15.42
C ALA B 147 -6.91 -19.92 -15.84
N PRO B 148 -7.67 -19.83 -16.97
CA PRO B 148 -8.24 -18.52 -17.33
C PRO B 148 -9.14 -17.91 -16.26
N VAL B 149 -9.89 -18.74 -15.53
CA VAL B 149 -10.75 -18.23 -14.46
C VAL B 149 -9.90 -17.70 -13.30
N LEU B 150 -8.88 -18.46 -12.92
CA LEU B 150 -7.95 -18.02 -11.87
C LEU B 150 -7.32 -16.67 -12.22
N ILE B 151 -6.93 -16.49 -13.48
CA ILE B 151 -6.28 -15.25 -13.91
C ILE B 151 -7.26 -14.08 -13.84
N ARG B 152 -8.47 -14.28 -14.37
CA ARG B 152 -9.52 -13.26 -14.31
CA ARG B 152 -9.50 -13.24 -14.31
C ARG B 152 -9.91 -12.89 -12.89
N GLU B 153 -9.99 -13.90 -12.00
CA GLU B 153 -10.41 -13.65 -10.63
C GLU B 153 -9.36 -12.86 -9.84
N ILE B 154 -8.08 -13.23 -9.97
CA ILE B 154 -7.05 -12.42 -9.31
C ILE B 154 -7.00 -11.00 -9.88
N THR B 155 -7.19 -10.86 -11.20
CA THR B 155 -7.29 -9.54 -11.82
C THR B 155 -8.38 -8.70 -11.14
N ARG B 156 -9.57 -9.27 -10.99
CA ARG B 156 -10.71 -8.57 -10.37
C ARG B 156 -10.39 -8.18 -8.92
N ARG B 157 -9.77 -9.09 -8.19
CA ARG B 157 -9.43 -8.86 -6.76
C ARG B 157 -8.36 -7.79 -6.58
N VAL B 158 -7.45 -7.69 -7.54
CA VAL B 158 -6.41 -6.66 -7.55
C VAL B 158 -7.01 -5.31 -7.94
N HIS B 159 -7.91 -5.33 -8.94
CA HIS B 159 -8.68 -4.15 -9.34
C HIS B 159 -9.45 -3.49 -8.18
N LEU B 160 -9.95 -4.30 -7.25
CA LEU B 160 -10.71 -3.79 -6.09
C LEU B 160 -9.86 -2.90 -5.18
N GLU B 161 -8.55 -3.15 -5.19
CA GLU B 161 -7.57 -2.37 -4.42
C GLU B 161 -6.95 -1.23 -5.24
N GLY B 162 -7.50 -0.95 -6.42
CA GLY B 162 -7.07 0.17 -7.27
C GLY B 162 -5.73 0.01 -7.99
N ILE B 163 -5.36 -1.24 -8.23
CA ILE B 163 -4.11 -1.56 -8.92
C ILE B 163 -4.46 -2.13 -10.29
N PHE B 164 -3.81 -1.62 -11.35
CA PHE B 164 -4.21 -1.96 -12.71
C PHE B 164 -3.09 -2.54 -13.58
N GLN B 165 -1.92 -2.74 -12.99
CA GLN B 165 -0.78 -3.35 -13.69
C GLN B 165 -0.19 -4.51 -12.89
N ALA B 166 0.42 -5.47 -13.59
CA ALA B 166 1.12 -6.59 -12.92
C ALA B 166 2.36 -7.01 -13.70
N VAL B 167 3.29 -7.66 -13.00
CA VAL B 167 4.44 -8.32 -13.62
C VAL B 167 4.35 -9.82 -13.32
N TYR B 168 4.80 -10.64 -14.27
CA TYR B 168 4.78 -12.09 -14.10
C TYR B 168 5.78 -12.74 -15.05
N THR B 169 6.15 -13.98 -14.75
CA THR B 169 7.05 -14.74 -15.62
C THR B 169 6.41 -16.08 -15.95
N ALA B 170 6.80 -16.66 -17.08
CA ALA B 170 6.38 -18.00 -17.44
C ALA B 170 7.40 -18.64 -18.37
N GLY B 171 7.40 -19.97 -18.42
CA GLY B 171 8.24 -20.71 -19.37
C GLY B 171 7.59 -20.94 -20.73
N VAL B 172 6.37 -20.46 -20.89
CA VAL B 172 5.64 -20.58 -22.15
C VAL B 172 5.59 -19.23 -22.83
N VAL B 173 5.52 -19.25 -24.17
CA VAL B 173 5.40 -18.02 -24.96
C VAL B 173 3.94 -17.58 -25.07
N LEU B 174 3.68 -16.38 -24.54
CA LEU B 174 2.35 -15.75 -24.54
C LEU B 174 2.46 -14.32 -25.06
N PRO B 175 1.32 -13.69 -25.45
CA PRO B 175 1.40 -12.26 -25.80
C PRO B 175 1.66 -11.39 -24.56
N LYS B 176 2.71 -10.57 -24.53
CA LYS B 176 3.88 -10.57 -25.41
C LYS B 176 5.07 -10.31 -24.49
N PRO B 177 6.13 -11.13 -24.56
CA PRO B 177 7.25 -10.95 -23.61
C PRO B 177 7.91 -9.57 -23.72
N VAL B 178 8.22 -8.96 -22.57
CA VAL B 178 9.01 -7.73 -22.57
C VAL B 178 10.49 -8.06 -22.49
N GLY B 179 10.79 -9.30 -22.09
CA GLY B 179 12.18 -9.79 -22.00
C GLY B 179 12.21 -11.31 -21.94
N THR B 180 13.31 -11.89 -22.39
CA THR B 180 13.49 -13.34 -22.41
C THR B 180 14.84 -13.72 -21.80
N CYS B 181 14.80 -14.53 -20.74
CA CYS B 181 16.01 -15.00 -20.07
C CYS B 181 16.22 -16.51 -20.25
N ARG B 182 17.45 -16.96 -19.97
CA ARG B 182 17.80 -18.38 -20.00
C ARG B 182 18.29 -18.81 -18.63
N TYR B 183 18.02 -20.06 -18.26
CA TYR B 183 18.50 -20.68 -17.00
CA TYR B 183 18.55 -20.56 -17.00
C TYR B 183 19.90 -21.26 -17.17
N TRP B 184 20.80 -20.97 -16.23
CA TRP B 184 22.13 -21.59 -16.18
C TRP B 184 22.34 -22.31 -14.84
N HIS B 185 23.11 -23.40 -14.88
CA HIS B 185 23.39 -24.22 -13.69
C HIS B 185 24.88 -24.35 -13.45
N ARG B 186 25.28 -24.29 -12.19
CA ARG B 186 26.67 -24.53 -11.84
C ARG B 186 26.76 -25.71 -10.86
N SER B 187 27.36 -26.80 -11.31
CA SER B 187 27.49 -28.00 -10.48
C SER B 187 28.33 -27.76 -9.24
N LEU B 188 27.80 -28.16 -8.08
CA LEU B 188 28.53 -28.09 -6.83
C LEU B 188 28.86 -29.49 -6.27
N ASN B 189 27.91 -30.41 -6.41
CA ASN B 189 28.09 -31.80 -6.02
C ASN B 189 27.84 -32.69 -7.26
N PRO B 190 28.81 -32.73 -8.20
CA PRO B 190 28.55 -33.40 -9.47
C PRO B 190 28.24 -34.89 -9.33
N ARG B 191 28.83 -35.57 -8.34
CA ARG B 191 28.55 -36.99 -8.12
C ARG B 191 27.05 -37.22 -7.88
N LYS B 192 26.43 -36.37 -7.06
CA LYS B 192 25.00 -36.50 -6.77
C LYS B 192 24.11 -36.11 -7.96
N LEU B 193 24.48 -35.03 -8.66
CA LEU B 193 23.76 -34.60 -9.86
C LEU B 193 23.73 -35.68 -10.94
N ILE B 194 24.85 -36.39 -11.09
CA ILE B 194 24.97 -37.48 -12.06
C ILE B 194 24.16 -38.70 -11.62
N GLU B 195 24.18 -39.04 -10.33
CA GLU B 195 23.43 -40.21 -9.86
C GLU B 195 21.91 -40.07 -9.99
N VAL B 196 21.40 -38.85 -9.81
CA VAL B 196 19.97 -38.57 -9.97
C VAL B 196 19.62 -38.11 -11.38
N LYS B 197 20.60 -38.14 -12.27
CA LYS B 197 20.46 -37.80 -13.70
C LYS B 197 20.06 -36.35 -13.98
N PHE B 198 20.40 -35.45 -13.05
CA PHE B 198 20.32 -34.02 -13.33
C PHE B 198 21.38 -33.69 -14.38
N SER B 199 22.56 -34.30 -14.23
CA SER B 199 23.67 -34.14 -15.17
C SER B 199 24.07 -35.47 -15.76
N HIS B 200 24.83 -35.41 -16.86
CA HIS B 200 25.44 -36.58 -17.45
C HIS B 200 26.97 -36.40 -17.52
N LEU B 201 27.70 -37.51 -17.44
CA LEU B 201 29.14 -37.49 -17.66
C LEU B 201 29.46 -37.12 -19.11
N SER B 202 30.28 -36.09 -19.28
CA SER B 202 30.81 -35.72 -20.60
C SER B 202 31.45 -36.93 -21.27
N ARG B 203 31.37 -36.98 -22.60
CA ARG B 203 31.85 -38.12 -23.39
C ARG B 203 33.19 -38.69 -22.92
N ASN B 204 34.21 -37.84 -22.89
CA ASN B 204 35.59 -38.26 -22.63
C ASN B 204 36.12 -37.78 -21.27
N MET B 205 35.24 -37.79 -20.27
CA MET B 205 35.57 -37.33 -18.92
C MET B 205 35.11 -38.36 -17.88
N THR B 206 36.01 -38.73 -16.98
CA THR B 206 35.68 -39.65 -15.86
C THR B 206 34.99 -38.88 -14.73
N MET B 207 34.44 -39.63 -13.76
CA MET B 207 33.84 -39.04 -12.56
C MET B 207 34.89 -38.29 -11.75
N GLN B 208 36.05 -38.91 -11.55
CA GLN B 208 37.18 -38.27 -10.86
C GLN B 208 37.55 -36.94 -11.54
N ARG B 209 37.60 -36.96 -12.87
CA ARG B 209 37.89 -35.76 -13.65
C ARG B 209 36.82 -34.69 -13.50
N THR B 210 35.56 -35.12 -13.43
CA THR B 210 34.44 -34.19 -13.31
C THR B 210 34.46 -33.50 -11.94
N MET B 211 34.74 -34.27 -10.90
CA MET B 211 34.84 -33.70 -9.55
C MET B 211 35.99 -32.71 -9.45
N LYS B 212 37.11 -33.05 -10.10
CA LYS B 212 38.25 -32.14 -10.22
C LYS B 212 37.88 -30.81 -10.88
N LEU B 213 37.16 -30.89 -11.99
CA LEU B 213 36.76 -29.70 -12.75
C LEU B 213 35.98 -28.73 -11.87
N TYR B 214 35.02 -29.27 -11.12
CA TYR B 214 34.06 -28.46 -10.35
C TYR B 214 34.46 -28.14 -8.92
N ARG B 215 35.65 -28.60 -8.48
CA ARG B 215 36.10 -28.40 -7.10
C ARG B 215 36.32 -26.91 -6.78
N LEU B 216 35.89 -26.51 -5.59
CA LEU B 216 35.99 -25.12 -5.17
C LEU B 216 36.85 -24.98 -3.90
N PRO B 217 37.41 -23.77 -3.68
CA PRO B 217 38.07 -23.48 -2.39
C PRO B 217 37.14 -23.74 -1.21
N GLU B 218 37.70 -24.00 -0.03
CA GLU B 218 36.89 -24.30 1.15
C GLU B 218 36.35 -23.05 1.86
N THR B 219 37.02 -21.91 1.66
CA THR B 219 36.64 -20.64 2.30
C THR B 219 36.62 -19.53 1.24
N PRO B 220 35.73 -18.52 1.40
CA PRO B 220 35.70 -17.38 0.49
C PRO B 220 36.97 -16.55 0.54
N LYS B 221 37.33 -15.93 -0.57
CA LYS B 221 38.56 -15.14 -0.64
C LYS B 221 38.40 -13.64 -0.38
N THR B 222 37.19 -13.12 -0.51
CA THR B 222 36.97 -11.67 -0.40
C THR B 222 37.17 -11.19 1.03
N ALA B 223 38.02 -10.17 1.18
CA ALA B 223 38.31 -9.55 2.46
C ALA B 223 37.07 -8.89 3.03
N GLY B 224 36.73 -9.26 4.27
CA GLY B 224 35.64 -8.59 4.98
C GLY B 224 34.24 -9.15 4.75
N LEU B 225 34.13 -10.27 4.03
CA LEU B 225 32.83 -10.89 3.78
C LEU B 225 32.30 -11.51 5.09
N ARG B 226 31.01 -11.30 5.36
CA ARG B 226 30.33 -11.82 6.55
C ARG B 226 28.82 -11.83 6.31
N PRO B 227 28.05 -12.62 7.09
CA PRO B 227 26.59 -12.54 6.96
C PRO B 227 26.01 -11.15 7.25
N MET B 228 24.96 -10.80 6.50
CA MET B 228 24.19 -9.59 6.75
C MET B 228 23.59 -9.63 8.16
N GLU B 229 23.61 -8.47 8.82
CA GLU B 229 23.00 -8.30 10.14
C GLU B 229 22.00 -7.15 10.09
N THR B 230 21.24 -6.98 11.17
CA THR B 230 20.23 -5.90 11.25
C THR B 230 20.83 -4.52 10.91
N LYS B 231 22.01 -4.23 11.45
CA LYS B 231 22.67 -2.92 11.21
C LYS B 231 23.00 -2.63 9.74
N ASP B 232 23.02 -3.68 8.91
CA ASP B 232 23.33 -3.55 7.50
C ASP B 232 22.11 -3.18 6.64
N ILE B 233 20.90 -3.23 7.22
CA ILE B 233 19.68 -3.00 6.43
C ILE B 233 19.68 -1.68 5.65
N PRO B 234 20.03 -0.54 6.29
CA PRO B 234 20.02 0.70 5.50
C PRO B 234 21.03 0.73 4.35
N VAL B 235 22.25 0.25 4.58
CA VAL B 235 23.26 0.29 3.53
C VAL B 235 22.97 -0.70 2.40
N VAL B 236 22.41 -1.85 2.74
CA VAL B 236 22.00 -2.84 1.71
C VAL B 236 20.92 -2.20 0.82
N HIS B 237 20.00 -1.45 1.44
CA HIS B 237 18.96 -0.73 0.71
C HIS B 237 19.57 0.34 -0.20
N GLN B 238 20.53 1.10 0.30
CA GLN B 238 21.21 2.15 -0.47
C GLN B 238 21.97 1.58 -1.67
N LEU B 239 22.72 0.52 -1.41
CA LEU B 239 23.51 -0.14 -2.45
C LEU B 239 22.62 -0.65 -3.57
N LEU B 240 21.52 -1.31 -3.20
CA LEU B 240 20.64 -1.92 -4.18
C LEU B 240 19.96 -0.86 -5.05
N THR B 241 19.51 0.23 -4.43
CA THR B 241 18.80 1.30 -5.12
C THR B 241 19.67 1.95 -6.20
N ARG B 242 20.91 2.29 -5.85
CA ARG B 242 21.85 2.83 -6.85
C ARG B 242 22.14 1.82 -7.96
N TYR B 243 22.38 0.57 -7.55
CA TYR B 243 22.77 -0.47 -8.50
C TYR B 243 21.72 -0.75 -9.57
N LEU B 244 20.45 -0.72 -9.17
CA LEU B 244 19.37 -1.08 -10.10
C LEU B 244 19.06 -0.01 -11.15
N LYS B 245 19.56 1.21 -10.96
CA LYS B 245 19.25 2.31 -11.89
C LYS B 245 19.71 2.02 -13.34
N GLN B 246 20.69 1.13 -13.50
CA GLN B 246 21.24 0.83 -14.82
C GLN B 246 20.36 -0.11 -15.66
N PHE B 247 19.35 -0.70 -15.04
CA PHE B 247 18.47 -1.66 -15.73
C PHE B 247 17.11 -1.03 -16.08
N HIS B 248 16.36 -1.66 -16.96
CA HIS B 248 15.11 -1.12 -17.45
C HIS B 248 13.84 -1.66 -16.78
N LEU B 249 13.96 -2.77 -16.07
CA LEU B 249 12.83 -3.34 -15.32
C LEU B 249 13.34 -3.79 -13.98
N THR B 250 12.92 -3.11 -12.92
CA THR B 250 13.48 -3.33 -11.59
C THR B 250 12.42 -3.16 -10.48
N PRO B 251 12.66 -3.75 -9.28
CA PRO B 251 11.80 -3.41 -8.16
C PRO B 251 12.22 -2.07 -7.54
N VAL B 252 11.28 -1.40 -6.87
CA VAL B 252 11.61 -0.25 -6.03
C VAL B 252 11.21 -0.64 -4.61
N MET B 253 12.21 -0.93 -3.78
CA MET B 253 11.97 -1.49 -2.44
C MET B 253 12.10 -0.45 -1.32
N SER B 254 11.15 -0.44 -0.40
CA SER B 254 11.31 0.31 0.86
C SER B 254 12.38 -0.37 1.73
N GLN B 255 12.78 0.32 2.80
CA GLN B 255 13.74 -0.27 3.75
C GLN B 255 13.13 -1.48 4.46
N GLU B 256 11.83 -1.43 4.73
CA GLU B 256 11.11 -2.58 5.27
C GLU B 256 11.08 -3.77 4.30
N GLU B 257 10.95 -3.48 3.01
CA GLU B 257 10.97 -4.54 1.99
C GLU B 257 12.35 -5.17 1.90
N VAL B 258 13.38 -4.34 2.02
CA VAL B 258 14.76 -4.84 2.00
C VAL B 258 15.00 -5.77 3.19
N GLU B 259 14.47 -5.39 4.36
CA GLU B 259 14.58 -6.26 5.53
C GLU B 259 13.92 -7.61 5.26
N HIS B 260 12.72 -7.57 4.69
CA HIS B 260 12.01 -8.81 4.39
C HIS B 260 12.76 -9.69 3.37
N TRP B 261 13.17 -9.13 2.25
CA TRP B 261 13.74 -9.92 1.17
C TRP B 261 15.18 -10.39 1.38
N PHE B 262 15.96 -9.69 2.22
CA PHE B 262 17.40 -9.99 2.35
C PHE B 262 17.90 -10.46 3.72
N TYR B 263 17.22 -10.07 4.79
CA TYR B 263 17.68 -10.49 6.14
C TYR B 263 17.71 -12.01 6.23
N PRO B 264 18.88 -12.59 6.60
CA PRO B 264 19.01 -14.04 6.47
C PRO B 264 18.01 -14.85 7.31
N GLN B 265 17.44 -15.88 6.68
CA GLN B 265 16.63 -16.89 7.37
C GLN B 265 17.14 -18.27 6.92
N GLU B 266 17.55 -19.10 7.86
CA GLU B 266 18.10 -20.42 7.54
C GLU B 266 17.17 -21.23 6.64
N ASN B 267 17.74 -21.80 5.57
CA ASN B 267 17.02 -22.64 4.59
C ASN B 267 15.97 -21.88 3.76
N ILE B 268 16.09 -20.56 3.71
CA ILE B 268 15.15 -19.74 2.93
C ILE B 268 15.94 -18.72 2.11
N ILE B 269 16.61 -17.80 2.79
CA ILE B 269 17.37 -16.72 2.16
C ILE B 269 18.72 -16.46 2.86
N ASP B 270 19.77 -16.29 2.05
CA ASP B 270 21.12 -15.97 2.52
C ASP B 270 21.65 -14.70 1.88
N THR B 271 22.18 -13.81 2.71
CA THR B 271 22.80 -12.58 2.22
C THR B 271 24.11 -12.36 2.97
N PHE B 272 25.17 -12.10 2.20
CA PHE B 272 26.47 -11.80 2.76
C PHE B 272 26.92 -10.44 2.27
N VAL B 273 27.44 -9.63 3.20
CA VAL B 273 27.94 -8.30 2.87
C VAL B 273 29.47 -8.26 2.92
N VAL B 274 30.07 -7.31 2.19
CA VAL B 274 31.51 -7.04 2.28
C VAL B 274 31.72 -5.78 3.10
N GLU B 275 32.26 -5.94 4.30
CA GLU B 275 32.65 -4.80 5.16
C GLU B 275 34.16 -4.65 5.15
N ASN B 276 34.63 -3.53 4.58
CA ASN B 276 36.06 -3.32 4.33
C ASN B 276 36.87 -2.87 5.56
N ALA B 277 38.14 -2.54 5.34
CA ALA B 277 39.07 -2.16 6.42
C ALA B 277 38.68 -0.85 7.12
N ASN B 278 37.82 -0.07 6.45
CA ASN B 278 37.31 1.21 6.94
C ASN B 278 35.94 1.08 7.58
N GLY B 279 35.45 -0.16 7.71
CA GLY B 279 34.11 -0.40 8.26
C GLY B 279 32.97 -0.12 7.29
N GLU B 280 33.29 0.13 6.03
CA GLU B 280 32.31 0.47 4.99
C GLU B 280 31.81 -0.81 4.32
N VAL B 281 30.49 -0.96 4.25
CA VAL B 281 29.86 -2.03 3.45
C VAL B 281 29.79 -1.62 1.98
N THR B 282 30.51 -2.35 1.12
CA THR B 282 30.69 -1.93 -0.28
C THR B 282 30.04 -2.85 -1.33
N ASP B 283 29.66 -4.05 -0.91
CA ASP B 283 29.12 -5.06 -1.83
C ASP B 283 28.21 -6.01 -1.04
N PHE B 284 27.33 -6.71 -1.75
CA PHE B 284 26.64 -7.84 -1.16
C PHE B 284 26.21 -8.87 -2.18
N LEU B 285 26.09 -10.10 -1.72
CA LEU B 285 25.60 -11.22 -2.52
C LEU B 285 24.43 -11.87 -1.81
N SER B 286 23.50 -12.45 -2.57
CA SER B 286 22.34 -13.14 -2.00
C SER B 286 21.82 -14.28 -2.87
N PHE B 287 21.31 -15.31 -2.21
CA PHE B 287 20.71 -16.47 -2.88
C PHE B 287 19.64 -17.12 -2.01
N TYR B 288 18.55 -17.59 -2.62
CA TYR B 288 17.50 -18.29 -1.88
C TYR B 288 17.55 -19.81 -2.04
N THR B 289 16.91 -20.52 -1.10
CA THR B 289 16.94 -21.98 -1.06
C THR B 289 15.65 -22.54 -1.62
N LEU B 290 15.76 -23.42 -2.62
CA LEU B 290 14.58 -24.07 -3.19
C LEU B 290 14.94 -25.48 -3.64
N PRO B 291 14.66 -26.49 -2.81
CA PRO B 291 14.96 -27.87 -3.20
C PRO B 291 14.02 -28.36 -4.28
N SER B 292 14.38 -29.46 -4.92
CA SER B 292 13.50 -30.15 -5.88
C SER B 292 13.37 -31.62 -5.54
N THR B 293 12.13 -32.10 -5.62
CA THR B 293 11.81 -33.50 -5.41
C THR B 293 12.36 -34.36 -6.55
N ILE B 294 12.95 -35.50 -6.21
CA ILE B 294 13.38 -36.48 -7.20
C ILE B 294 12.16 -37.32 -7.55
N MET B 295 11.54 -37.00 -8.69
CA MET B 295 10.26 -37.60 -9.08
C MET B 295 10.27 -39.13 -9.10
N ASN B 296 11.32 -39.75 -9.66
CA ASN B 296 11.44 -41.21 -9.66
C ASN B 296 12.11 -41.77 -8.40
N HIS B 300 13.60 -40.61 -0.97
CA HIS B 300 14.91 -40.03 -1.23
C HIS B 300 14.90 -38.55 -0.88
N LYS B 301 16.05 -38.03 -0.44
CA LYS B 301 16.15 -36.61 -0.11
C LYS B 301 16.24 -35.73 -1.35
N SER B 302 15.71 -34.50 -1.23
CA SER B 302 15.59 -33.57 -2.34
C SER B 302 16.93 -33.16 -2.92
N LEU B 303 16.91 -32.70 -4.17
CA LEU B 303 18.06 -32.05 -4.75
C LEU B 303 18.08 -30.64 -4.17
N LYS B 304 19.16 -30.26 -3.49
CA LYS B 304 19.22 -28.92 -2.86
C LYS B 304 19.84 -27.90 -3.81
N ALA B 305 19.05 -26.89 -4.17
CA ALA B 305 19.47 -25.88 -5.14
C ALA B 305 19.48 -24.49 -4.52
N ALA B 306 20.49 -23.70 -4.90
CA ALA B 306 20.57 -22.29 -4.54
C ALA B 306 20.25 -21.46 -5.77
N TYR B 307 19.53 -20.36 -5.58
CA TYR B 307 19.16 -19.52 -6.69
C TYR B 307 19.70 -18.12 -6.50
N SER B 308 20.53 -17.67 -7.44
CA SER B 308 21.05 -16.30 -7.40
C SER B 308 19.90 -15.30 -7.31
N PHE B 309 20.01 -14.36 -6.38
CA PHE B 309 18.96 -13.37 -6.13
C PHE B 309 19.45 -12.00 -6.62
N TYR B 310 19.82 -11.11 -5.68
CA TYR B 310 20.40 -9.83 -6.08
C TYR B 310 21.86 -9.72 -5.62
N ASN B 311 22.74 -9.35 -6.55
CA ASN B 311 24.17 -9.23 -6.27
C ASN B 311 24.67 -7.85 -6.68
N VAL B 312 25.14 -7.08 -5.71
CA VAL B 312 25.53 -5.71 -5.93
C VAL B 312 27.03 -5.57 -5.66
N HIS B 313 27.75 -4.99 -6.61
CA HIS B 313 29.19 -4.74 -6.47
C HIS B 313 29.51 -3.28 -6.68
N THR B 314 30.32 -2.71 -5.80
CA THR B 314 30.89 -1.37 -6.01
C THR B 314 32.42 -1.32 -5.87
N GLN B 315 33.02 -2.24 -5.12
CA GLN B 315 34.49 -2.25 -4.96
C GLN B 315 35.14 -3.63 -5.08
N THR B 316 34.34 -4.69 -4.99
CA THR B 316 34.79 -6.05 -5.25
C THR B 316 34.34 -6.45 -6.66
N PRO B 317 35.23 -7.06 -7.46
CA PRO B 317 34.76 -7.50 -8.78
C PRO B 317 33.60 -8.48 -8.66
N LEU B 318 32.64 -8.37 -9.57
CA LEU B 318 31.47 -9.25 -9.55
C LEU B 318 31.90 -10.72 -9.68
N LEU B 319 32.93 -10.96 -10.50
CA LEU B 319 33.47 -12.31 -10.69
C LEU B 319 33.94 -12.93 -9.38
N ASP B 320 34.66 -12.14 -8.57
CA ASP B 320 35.11 -12.53 -7.23
C ASP B 320 33.94 -12.76 -6.26
N LEU B 321 32.97 -11.85 -6.32
CA LEU B 321 31.79 -11.93 -5.47
C LEU B 321 31.02 -13.22 -5.73
N MET B 322 30.80 -13.54 -7.02
CA MET B 322 30.08 -14.76 -7.39
C MET B 322 30.88 -16.04 -7.13
N SER B 323 32.20 -15.96 -7.26
CA SER B 323 33.07 -17.07 -6.87
C SER B 323 32.84 -17.45 -5.40
N ASP B 324 32.78 -16.44 -4.53
CA ASP B 324 32.51 -16.65 -3.10
C ASP B 324 31.10 -17.16 -2.82
N ALA B 325 30.14 -16.72 -3.63
CA ALA B 325 28.76 -17.21 -3.53
C ALA B 325 28.73 -18.72 -3.76
N LEU B 326 29.44 -19.19 -4.79
CA LEU B 326 29.55 -20.63 -5.06
C LEU B 326 30.18 -21.36 -3.87
N VAL B 327 31.24 -20.78 -3.32
CA VAL B 327 31.95 -21.37 -2.17
C VAL B 327 31.02 -21.47 -0.95
N LEU B 328 30.31 -20.39 -0.64
CA LEU B 328 29.35 -20.41 0.47
C LEU B 328 28.23 -21.43 0.25
N ALA B 329 27.69 -21.48 -0.96
CA ALA B 329 26.64 -22.46 -1.27
C ALA B 329 27.14 -23.91 -1.06
N LYS B 330 28.33 -24.22 -1.58
CA LYS B 330 28.94 -25.55 -1.35
C LYS B 330 29.12 -25.85 0.13
N MET B 331 29.62 -24.87 0.88
CA MET B 331 29.82 -24.98 2.34
C MET B 331 28.51 -25.36 3.03
N LYS B 332 27.41 -24.82 2.51
CA LYS B 332 26.07 -25.01 3.07
C LYS B 332 25.34 -26.25 2.56
N GLY B 333 26.05 -27.07 1.77
CA GLY B 333 25.53 -28.35 1.32
C GLY B 333 24.63 -28.33 0.11
N PHE B 334 24.66 -27.24 -0.65
CA PHE B 334 23.88 -27.19 -1.89
C PHE B 334 24.50 -28.10 -2.95
N ASP B 335 23.66 -28.69 -3.80
CA ASP B 335 24.15 -29.57 -4.87
C ASP B 335 24.41 -28.82 -6.19
N VAL B 336 23.68 -27.73 -6.39
CA VAL B 336 23.75 -26.96 -7.62
C VAL B 336 23.44 -25.49 -7.31
N PHE B 337 24.07 -24.58 -8.07
CA PHE B 337 23.81 -23.13 -7.95
C PHE B 337 23.21 -22.67 -9.28
N ASN B 338 22.05 -22.04 -9.20
CA ASN B 338 21.33 -21.58 -10.39
C ASN B 338 21.33 -20.08 -10.53
N ALA B 339 21.49 -19.61 -11.78
CA ALA B 339 21.38 -18.19 -12.11
C ALA B 339 20.79 -17.98 -13.49
N LEU B 340 20.14 -16.84 -13.66
CA LEU B 340 19.65 -16.40 -14.96
C LEU B 340 20.73 -15.58 -15.68
N ASP B 341 20.50 -15.32 -16.97
CA ASP B 341 21.43 -14.52 -17.79
C ASP B 341 21.08 -13.02 -17.79
N LEU B 342 20.27 -12.59 -16.82
CA LEU B 342 19.89 -11.18 -16.69
C LEU B 342 20.93 -10.35 -15.94
N MET B 343 20.63 -9.06 -15.75
CA MET B 343 21.56 -8.09 -15.17
C MET B 343 22.96 -8.25 -15.82
N GLU B 344 24.02 -8.27 -15.01
CA GLU B 344 25.39 -8.43 -15.56
C GLU B 344 25.86 -9.87 -15.52
N ASN B 345 24.91 -10.81 -15.36
CA ASN B 345 25.26 -12.21 -15.09
C ASN B 345 26.10 -12.87 -16.18
N LYS B 346 25.87 -12.52 -17.45
CA LYS B 346 26.70 -13.08 -18.54
C LYS B 346 28.20 -12.80 -18.38
N THR B 347 28.55 -11.76 -17.62
CA THR B 347 29.96 -11.45 -17.39
C THR B 347 30.69 -12.50 -16.53
N PHE B 348 29.93 -13.32 -15.80
CA PHE B 348 30.56 -14.35 -14.96
C PHE B 348 30.15 -15.80 -15.25
N LEU B 349 29.05 -16.02 -15.96
CA LEU B 349 28.47 -17.37 -16.11
C LEU B 349 29.44 -18.41 -16.67
N GLU B 350 29.96 -18.18 -17.87
CA GLU B 350 30.89 -19.15 -18.48
C GLU B 350 32.22 -19.22 -17.72
N LYS B 351 32.67 -18.08 -17.20
CA LYS B 351 33.94 -17.98 -16.48
C LYS B 351 33.95 -18.79 -15.19
N LEU B 352 32.77 -18.93 -14.57
CA LEU B 352 32.63 -19.71 -13.33
C LEU B 352 32.06 -21.11 -13.59
N LYS B 353 32.12 -21.55 -14.85
CA LYS B 353 31.77 -22.93 -15.22
C LYS B 353 30.27 -23.29 -15.14
N PHE B 354 29.40 -22.29 -15.19
CA PHE B 354 27.96 -22.53 -15.35
C PHE B 354 27.73 -23.13 -16.74
N GLY B 355 26.72 -24.01 -16.86
CA GLY B 355 26.30 -24.50 -18.18
C GLY B 355 24.87 -24.10 -18.46
N ILE B 356 24.55 -23.80 -19.72
CA ILE B 356 23.17 -23.44 -20.07
C ILE B 356 22.20 -24.60 -19.87
N GLY B 357 20.99 -24.29 -19.41
CA GLY B 357 19.94 -25.29 -19.21
C GLY B 357 18.86 -25.23 -20.29
N ASP B 358 17.93 -26.18 -20.24
CA ASP B 358 16.79 -26.20 -21.18
C ASP B 358 15.74 -25.16 -20.80
N GLY B 359 14.99 -24.69 -21.78
CA GLY B 359 13.85 -23.81 -21.54
C GLY B 359 14.18 -22.33 -21.48
N ASN B 360 13.14 -21.50 -21.52
CA ASN B 360 13.29 -20.05 -21.43
C ASN B 360 12.46 -19.56 -20.25
N LEU B 361 12.80 -18.38 -19.73
CA LEU B 361 11.95 -17.68 -18.78
C LEU B 361 11.55 -16.35 -19.42
N GLN B 362 10.27 -16.21 -19.78
CA GLN B 362 9.81 -14.96 -20.36
C GLN B 362 9.24 -14.04 -19.29
N TYR B 363 9.55 -12.76 -19.40
CA TYR B 363 9.03 -11.73 -18.49
C TYR B 363 7.88 -11.00 -19.16
N TYR B 364 6.82 -10.72 -18.39
CA TYR B 364 5.62 -10.07 -18.93
C TYR B 364 5.12 -8.95 -18.04
N LEU B 365 4.44 -7.99 -18.64
CA LEU B 365 3.64 -7.00 -17.92
C LEU B 365 2.18 -7.11 -18.35
N TYR B 366 1.26 -6.92 -17.40
CA TYR B 366 -0.16 -6.89 -17.71
C TYR B 366 -0.61 -5.43 -17.77
N ASN B 367 -1.24 -5.04 -18.88
CA ASN B 367 -1.77 -3.67 -19.02
C ASN B 367 -0.70 -2.59 -18.93
N TRP B 368 0.46 -2.88 -19.53
CA TRP B 368 1.50 -1.87 -19.72
C TRP B 368 2.28 -2.23 -20.97
N LYS B 369 2.04 -1.47 -22.03
CA LYS B 369 2.71 -1.66 -23.31
C LYS B 369 3.98 -0.80 -23.36
N CYS B 370 5.10 -1.45 -23.71
CA CYS B 370 6.41 -0.80 -23.76
C CYS B 370 7.34 -1.63 -24.63
N PRO B 371 8.46 -1.03 -25.11
CA PRO B 371 9.41 -1.80 -25.93
C PRO B 371 10.01 -2.97 -25.14
N SER B 372 10.27 -4.08 -25.84
CA SER B 372 10.97 -5.19 -25.22
C SER B 372 12.44 -4.82 -24.98
N MET B 373 13.08 -5.55 -24.06
CA MET B 373 14.47 -5.30 -23.73
C MET B 373 15.28 -6.60 -23.80
N GLY B 374 16.59 -6.47 -23.92
CA GLY B 374 17.47 -7.63 -23.84
C GLY B 374 17.58 -8.12 -22.41
N ALA B 375 18.05 -9.35 -22.25
CA ALA B 375 18.20 -9.96 -20.93
C ALA B 375 19.06 -9.13 -19.98
N GLU B 376 20.10 -8.49 -20.52
CA GLU B 376 21.03 -7.73 -19.68
C GLU B 376 20.41 -6.47 -19.07
N LYS B 377 19.22 -6.09 -19.55
CA LYS B 377 18.49 -4.92 -19.02
CA LYS B 377 18.50 -4.93 -19.00
C LYS B 377 17.36 -5.32 -18.06
N VAL B 378 17.11 -6.61 -17.90
CA VAL B 378 16.12 -7.07 -16.92
C VAL B 378 16.80 -7.09 -15.56
N GLY B 379 16.25 -6.32 -14.61
CA GLY B 379 16.79 -6.21 -13.25
C GLY B 379 15.80 -6.61 -12.17
N LEU B 380 15.03 -7.67 -12.43
CA LEU B 380 14.00 -8.14 -11.49
C LEU B 380 14.06 -9.66 -11.37
N VAL B 381 14.14 -10.15 -10.13
CA VAL B 381 14.22 -11.59 -9.85
C VAL B 381 13.06 -12.01 -8.95
N LEU B 382 12.28 -13.00 -9.38
CA LEU B 382 11.12 -13.47 -8.62
C LEU B 382 11.34 -14.86 -8.02
N GLN B 383 10.62 -15.17 -6.94
CA GLN B 383 10.80 -16.43 -6.20
C GLN B 383 10.19 -17.62 -6.92
S1 MYA C . -4.03 19.08 13.64
C2 MYA C . -4.60 18.85 15.36
C3 MYA C . -3.53 19.23 16.38
N4 MYA C . -4.05 18.89 17.72
C5 MYA C . -4.53 19.81 18.56
O5 MYA C . -4.60 21.01 18.29
C6 MYA C . -5.01 19.23 19.91
C7 MYA C . -4.85 20.16 21.13
N8 MYA C . -3.50 20.72 21.02
C9 MYA C . -2.38 20.04 21.24
O9 MYA C . -2.31 18.86 21.62
C10 MYA C . -1.17 20.93 20.84
O10 MYA C . -0.75 21.82 21.87
C11 MYA C . -0.07 20.26 19.97
C12 MYA C . 1.27 20.99 20.08
C13 MYA C . -0.60 20.48 18.57
C14 MYA C . 0.16 18.74 20.19
N1A MYA C . 0.63 20.87 13.64
O1A MYA C . 5.33 20.49 21.86
P1A MYA C . 5.29 21.94 21.51
C1X MYA C . 4.23 23.38 16.30
C2A MYA C . 1.94 20.93 13.43
O2A MYA C . 6.04 22.84 22.60
P2A MYA C . 2.53 21.86 22.27
C2M MYA C . -3.26 17.57 13.30
O2M MYA C . -3.46 16.59 14.03
C2X MYA C . 4.50 24.80 16.77
O2X MYA C . 4.39 25.73 15.68
N3A MYA C . 2.74 21.64 14.22
O3A MYA C . 3.77 22.50 21.45
C3M MYA C . -2.33 17.48 12.10
C3X MYA C . 5.94 24.65 17.24
O3X MYA C . 6.83 24.55 16.11
P3X MYA C . 7.65 25.86 15.71
C4A MYA C . 2.24 22.30 15.27
O4A MYA C . 1.42 23.03 22.23
C4M MYA C . -0.87 17.47 12.60
C4X MYA C . 5.94 23.28 17.92
O4X MYA C . 4.81 22.55 17.35
C5A MYA C . 0.88 22.26 15.52
O5A MYA C . 2.85 21.31 23.61
C5M MYA C . 0.14 17.53 11.45
C5X MYA C . 5.71 23.47 19.42
O5X MYA C . 5.89 22.22 20.07
C6A MYA C . 0.06 21.52 14.67
N6A MYA C . -1.26 21.44 14.84
O6A MYA C . 1.96 20.66 21.31
C6M MYA C . 1.57 17.52 12.01
N7A MYA C . 0.65 23.02 16.59
O7A MYA C . 6.74 27.04 15.62
C7M MYA C . 2.62 17.67 10.89
C8A MYA C . 1.81 23.50 17.02
O8A MYA C . 8.74 26.01 16.88
C8M MYA C . 2.83 16.34 10.15
N9A MYA C . 2.79 23.08 16.20
O9A MYA C . 8.44 25.48 14.39
C9M MYA C . 3.93 16.52 9.09
CAM MYA C . 4.03 15.28 8.16
CBM MYA C . 4.87 14.18 8.80
CCM MYA C . 4.88 12.89 7.94
CDM MYA C . 5.81 12.99 6.73
CEM MYA C . 5.97 11.61 6.10
CFM MYA C . 6.78 11.69 4.80
S 096 D . -13.20 23.54 17.83
C1 096 D . -17.34 27.63 18.69
N1 096 D . -15.60 22.73 17.63
O1 096 D . -17.38 27.53 17.28
C2 096 D . -16.42 26.82 16.58
N2 096 D . -18.69 22.24 15.69
O2 096 D . -15.78 21.38 19.44
C3 096 D . -16.03 25.55 17.02
N3 096 D . -10.14 25.84 15.60
O3 096 D . -16.22 28.60 15.00
C4 096 D . -15.05 24.82 16.33
N4 096 D . -7.80 26.58 16.49
C5 096 D . -14.63 23.47 16.80
C6 096 D . -13.65 22.32 19.00
C7 096 D . -15.11 22.11 18.72
C8 096 D . -16.98 22.63 17.31
C9 096 D . -17.96 22.78 18.30
C10 096 D . -19.31 22.64 17.96
C11 096 D . -19.65 22.38 16.63
C12 096 D . -17.39 22.36 16.01
C13 096 D . -14.47 25.38 15.19
C14 096 D . -13.41 24.67 14.38
C15 096 D . -12.17 25.59 14.38
C16 096 D . -10.89 24.89 14.79
C17 096 D . -9.86 25.48 16.99
C18 096 D . -8.79 26.43 17.54
C19 096 D . -6.43 26.10 16.72
C20 096 D . -8.13 27.19 15.21
C21 096 D . -9.66 27.11 15.04
C22 096 D . -14.88 26.65 14.75
C23 096 D . -15.85 27.37 15.44
S1 MYA E . 4.07 -19.24 -13.90
C2 MYA E . 3.90 -20.88 -13.09
C3 MYA E . 2.75 -21.70 -13.68
N4 MYA E . 2.58 -22.97 -12.94
C5 MYA E . 3.02 -24.13 -13.42
O5 MYA E . 3.63 -24.25 -14.49
C6 MYA E . 2.75 -25.34 -12.52
C7 MYA E . 2.41 -26.63 -13.30
N8 MYA E . 1.52 -26.25 -14.38
C9 MYA E . 0.21 -26.00 -14.23
O9 MYA E . -0.43 -26.06 -13.16
C10 MYA E . -0.35 -25.52 -15.57
O10 MYA E . -0.81 -26.60 -16.42
C11 MYA E . -1.22 -24.23 -15.52
C12 MYA E . -2.21 -24.16 -16.69
C13 MYA E . -0.20 -23.11 -15.72
C14 MYA E . -1.96 -23.95 -14.20
N1A MYA E . 0.72 -18.29 -17.40
O1A MYA E . -6.67 -24.43 -17.41
P1A MYA E . -6.05 -24.46 -18.74
C1X MYA E . -2.80 -20.38 -20.49
C2A MYA E . -0.32 -17.71 -18.02
O2A MYA E . -6.88 -25.36 -19.79
P2A MYA E . -3.97 -25.96 -17.55
C2M MYA E . 3.13 -18.22 -12.81
O2M MYA E . 2.85 -18.62 -11.68
C2X MYA E . -2.74 -21.09 -21.84
O2X MYA E . -1.95 -20.32 -22.77
N3A MYA E . -1.15 -18.40 -18.79
O3A MYA E . -4.55 -25.10 -18.75
C3M MYA E . 2.68 -16.86 -13.31
C3X MYA E . -4.23 -21.09 -22.21
O3X MYA E . -4.65 -19.80 -22.66
P3X MYA E . -4.76 -19.56 -24.25
C4A MYA E . -0.95 -19.72 -18.97
O4A MYA E . -2.65 -26.67 -18.17
C4M MYA E . 1.32 -16.97 -14.01
C4X MYA E . -4.91 -21.36 -20.87
O4X MYA E . -3.95 -20.96 -19.83
C5A MYA E . 0.11 -20.37 -18.34
O5A MYA E . -4.90 -26.94 -16.96
C5M MYA E . 0.88 -15.58 -14.53
C5X MYA E . -5.24 -22.84 -20.67
O5X MYA E . -5.82 -23.02 -19.40
C6A MYA E . 0.96 -19.61 -17.54
N6A MYA E . 2.00 -20.18 -16.91
O6A MYA E . -3.41 -24.91 -16.44
C6M MYA E . -0.60 -15.61 -14.91
N7A MYA E . 0.06 -21.65 -18.70
O7A MYA E . -3.53 -20.01 -24.97
C7M MYA E . -1.01 -14.33 -15.63
C8A MYA E . -0.98 -21.83 -19.50
O8A MYA E . -6.10 -20.37 -24.66
C8M MYA E . -1.23 -13.19 -14.61
N9A MYA E . -1.59 -20.65 -19.68
O9A MYA E . -5.03 -17.98 -24.45
C9M MYA E . -1.82 -11.99 -15.34
CAM MYA E . -1.93 -10.74 -14.42
CBM MYA E . -3.21 -10.78 -13.59
CCM MYA E . -3.22 -9.66 -12.55
CDM MYA E . -3.65 -8.32 -13.17
CEM MYA E . -3.87 -7.25 -12.10
CFM MYA E . -4.12 -5.88 -12.75
S 096 F . 11.88 -26.97 -13.29
C1 096 F . 16.68 -30.38 -15.74
N1 096 F . 13.78 -27.52 -11.67
O1 096 F . 17.11 -29.14 -15.16
C2 096 F . 16.28 -28.04 -15.11
N2 096 F . 17.06 -26.73 -10.21
O2 096 F . 12.71 -28.86 -10.16
C3 096 F . 15.37 -27.88 -14.06
N3 096 F . 10.75 -24.68 -17.13
O3 096 F . 17.27 -27.18 -17.11
C4 096 F . 14.53 -26.77 -13.97
N4 096 F . 8.87 -25.47 -18.95
C5 096 F . 13.55 -26.63 -12.84
C6 096 F . 11.39 -27.89 -11.87
C7 096 F . 12.70 -28.14 -11.15
C8 096 F . 15.05 -27.69 -11.09
C9 096 F . 15.53 -28.96 -10.78
C10 096 F . 16.79 -29.09 -10.18
C11 096 F . 17.54 -27.95 -9.90
C12 096 F . 15.85 -26.58 -10.79
C13 096 F . 14.63 -25.79 -14.96
C14 096 F . 13.77 -24.55 -14.98
C15 096 F . 12.97 -24.54 -16.29
C16 096 F . 11.56 -23.98 -16.13
C17 096 F . 9.65 -25.51 -16.65
C18 096 F . 9.16 -26.37 -17.82
C19 096 F . 7.69 -25.72 -19.77
C20 096 F . 9.71 -24.31 -19.26
C21 096 F . 11.05 -24.52 -18.55
C22 096 F . 15.55 -25.94 -16.01
C23 096 F . 16.38 -27.05 -16.08
#